data_5QJ7
#
_entry.id   5QJ7
#
_cell.length_a   49.345
_cell.length_b   59.789
_cell.length_c   79.913
_cell.angle_alpha   79.380
_cell.angle_beta   81.480
_cell.angle_gamma   75.770
#
_symmetry.space_group_name_H-M   'P 1'
#
loop_
_entity.id
_entity.type
_entity.pdbx_description
1 polymer 'ADP-sugar pyrophosphatase'
2 non-polymer 'MAGNESIUM ION'
3 non-polymer [4-(cyclopropanecarbonyl)piperazin-1-yl](furan-2-yl)methanone
4 non-polymer 1,2-ETHANEDIOL
5 non-polymer 'CHLORIDE ION'
6 water water
#
_entity_poly.entity_id   1
_entity_poly.type   'polypeptide(L)'
_entity_poly.pdbx_seq_one_letter_code
;SMESQEPTESSQNGKQYIISEELISEGKWVKLEKTTYMDPTGKTRTWESVKRTTRKEQTADGVAVIPVLQRTLHYECIVL
VKQFRPPMGGYCIEFPAGLIDDGETPEAAALRELEEETGYKGDIAECSPAVCMDPGLSNCTIHIVTVTINGDDAENARPK
PKPGDGEFVEVISLPKNDLLQRLDALVAEEHLTVDARVYSYALALKHAN
;
_entity_poly.pdbx_strand_id   A,B,C,D
#
loop_
_chem_comp.id
_chem_comp.type
_chem_comp.name
_chem_comp.formula
CL non-polymer 'CHLORIDE ION' 'Cl -1'
EDO non-polymer 1,2-ETHANEDIOL 'C2 H6 O2'
JMM non-polymer [4-(cyclopropanecarbonyl)piperazin-1-yl](furan-2-yl)methanone 'C13 H16 N2 O3'
MG non-polymer 'MAGNESIUM ION' 'Mg 2'
#
# COMPACT_ATOMS: atom_id res chain seq x y z
N LYS A 15 -13.34 -11.78 43.45
CA LYS A 15 -12.49 -11.74 44.66
C LYS A 15 -12.08 -10.29 45.06
N GLN A 16 -11.50 -9.54 44.12
CA GLN A 16 -11.09 -8.15 44.39
C GLN A 16 -12.17 -7.10 44.19
N TYR A 17 -12.05 -6.04 44.99
CA TYR A 17 -13.02 -4.94 44.98
C TYR A 17 -12.45 -3.68 45.54
N ILE A 18 -13.15 -2.60 45.22
CA ILE A 18 -12.79 -1.28 45.68
C ILE A 18 -13.29 -1.16 47.11
N ILE A 19 -12.46 -0.63 48.00
CA ILE A 19 -12.80 -0.28 49.38
C ILE A 19 -13.12 1.18 49.56
N SER A 20 -12.27 2.06 49.06
CA SER A 20 -12.59 3.47 49.11
C SER A 20 -11.83 4.22 48.01
N GLU A 21 -12.29 5.42 47.67
CA GLU A 21 -11.66 6.26 46.67
C GLU A 21 -11.63 7.68 47.27
N GLU A 22 -10.44 8.17 47.54
CA GLU A 22 -10.23 9.44 48.22
C GLU A 22 -9.67 10.40 47.20
N LEU A 23 -10.34 11.53 47.04
CA LEU A 23 -9.90 12.51 46.11
C LEU A 23 -8.52 13.03 46.53
N ILE A 24 -7.60 13.12 45.60
CA ILE A 24 -6.31 13.80 45.85
C ILE A 24 -6.25 15.23 45.27
N SER A 25 -6.70 15.42 44.04
CA SER A 25 -6.61 16.70 43.36
C SER A 25 -7.62 16.71 42.25
N GLU A 26 -8.46 17.73 42.14
CA GLU A 26 -9.49 17.78 41.13
C GLU A 26 -9.26 19.00 40.29
N GLY A 27 -8.99 18.81 39.00
CA GLY A 27 -9.06 19.86 38.00
C GLY A 27 -10.44 20.09 37.44
N LYS A 28 -10.50 20.90 36.40
CA LYS A 28 -11.74 21.13 35.66
C LYS A 28 -12.15 19.93 34.81
N TRP A 29 -11.15 19.23 34.29
CA TRP A 29 -11.33 18.13 33.33
C TRP A 29 -10.88 16.74 33.81
N VAL A 30 -9.93 16.68 34.75
CA VAL A 30 -9.30 15.44 35.21
C VAL A 30 -9.09 15.54 36.73
N LYS A 31 -9.26 14.41 37.43
CA LYS A 31 -8.91 14.26 38.82
C LYS A 31 -8.01 13.04 39.10
N LEU A 32 -7.27 13.12 40.19
CA LEU A 32 -6.45 12.05 40.72
C LEU A 32 -7.01 11.56 42.04
N GLU A 33 -7.13 10.24 42.20
CA GLU A 33 -7.71 9.66 43.38
C GLU A 33 -6.78 8.63 43.96
N LYS A 34 -6.84 8.45 45.28
CA LYS A 34 -6.18 7.33 45.95
C LYS A 34 -7.21 6.23 46.12
N THR A 35 -7.02 5.12 45.43
CA THR A 35 -7.95 4.01 45.47
C THR A 35 -7.41 3.00 46.43
N THR A 36 -8.24 2.60 47.39
CA THR A 36 -7.96 1.48 48.21
C THR A 36 -8.84 0.33 47.76
N TYR A 37 -8.23 -0.83 47.66
CA TYR A 37 -8.91 -2.05 47.24
C TYR A 37 -8.40 -3.27 47.97
N MET A 38 -9.19 -4.33 47.88
CA MET A 38 -8.83 -5.59 48.48
C MET A 38 -8.15 -6.46 47.44
N ASP A 39 -6.99 -6.99 47.79
CA ASP A 39 -6.33 -7.96 46.93
C ASP A 39 -6.87 -9.37 47.16
N PRO A 40 -6.57 -10.32 46.24
CA PRO A 40 -7.15 -11.65 46.45
C PRO A 40 -6.56 -12.41 47.65
N THR A 41 -5.35 -12.06 48.12
CA THR A 41 -4.81 -12.63 49.39
C THR A 41 -5.60 -12.14 50.63
N GLY A 42 -6.51 -11.17 50.48
CA GLY A 42 -7.30 -10.60 51.58
C GLY A 42 -6.64 -9.37 52.23
N LYS A 43 -5.58 -8.89 51.59
CA LYS A 43 -4.76 -7.75 52.01
C LYS A 43 -5.20 -6.44 51.30
N THR A 44 -5.25 -5.35 52.06
CA THR A 44 -5.62 -4.02 51.59
C THR A 44 -4.37 -3.43 50.84
N ARG A 45 -4.58 -2.85 49.64
CA ARG A 45 -3.55 -2.12 48.88
C ARG A 45 -4.12 -0.84 48.25
N THR A 46 -3.22 0.00 47.75
CA THR A 46 -3.63 1.25 47.12
C THR A 46 -3.10 1.42 45.70
N TRP A 47 -3.78 2.29 44.97
CA TRP A 47 -3.47 2.62 43.60
C TRP A 47 -3.70 4.13 43.43
N GLU A 48 -2.95 4.76 42.55
CA GLU A 48 -3.25 6.11 42.15
C GLU A 48 -4.03 6.08 40.82
N SER A 49 -5.28 6.51 40.84
CA SER A 49 -6.21 6.41 39.71
C SER A 49 -6.51 7.75 39.14
N VAL A 50 -6.58 7.81 37.83
CA VAL A 50 -6.98 9.01 37.09
C VAL A 50 -8.38 8.81 36.60
N LYS A 51 -9.20 9.86 36.75
CA LYS A 51 -10.51 9.87 36.19
C LYS A 51 -10.86 11.21 35.57
N ARG A 52 -11.73 11.23 34.55
CA ARG A 52 -12.23 12.48 34.07
C ARG A 52 -13.34 13.00 35.00
N THR A 53 -13.53 14.31 35.00
CA THR A 53 -14.61 14.98 35.71
C THR A 53 -15.93 15.11 34.92
N THR A 54 -15.91 14.73 33.66
CA THR A 54 -16.95 14.98 32.69
C THR A 54 -17.94 13.81 32.45
N ARG A 55 -17.79 12.66 33.10
CA ARG A 55 -18.65 11.51 32.84
C ARG A 55 -19.86 11.61 33.71
N LYS A 56 -21.03 11.55 33.12
CA LYS A 56 -22.27 11.68 33.84
C LYS A 56 -22.99 10.32 33.76
N GLU A 57 -23.96 10.18 32.86
CA GLU A 57 -24.70 8.90 32.69
C GLU A 57 -24.28 8.15 31.41
N GLN A 58 -23.35 8.70 30.65
CA GLN A 58 -22.89 8.05 29.43
C GLN A 58 -22.28 6.69 29.75
N THR A 59 -22.51 5.75 28.85
CA THR A 59 -21.94 4.41 28.93
C THR A 59 -20.40 4.39 29.00
N ALA A 60 -19.76 5.47 28.55
CA ALA A 60 -18.34 5.62 28.45
C ALA A 60 -18.02 7.08 28.36
N ASP A 61 -16.76 7.44 28.49
CA ASP A 61 -16.35 8.83 28.34
C ASP A 61 -16.51 9.30 26.91
N GLY A 62 -16.10 8.46 25.97
CA GLY A 62 -15.94 8.90 24.59
C GLY A 62 -16.22 7.83 23.57
N VAL A 63 -15.98 8.24 22.33
CA VAL A 63 -16.01 7.35 21.18
C VAL A 63 -14.78 7.60 20.38
N ALA A 64 -14.33 6.53 19.75
CA ALA A 64 -13.40 6.62 18.64
C ALA A 64 -14.10 5.95 17.43
N VAL A 65 -13.86 6.50 16.25
CA VAL A 65 -14.54 6.08 15.07
C VAL A 65 -13.54 5.37 14.14
N ILE A 66 -13.93 4.21 13.64
CA ILE A 66 -13.14 3.54 12.62
C ILE A 66 -13.89 3.76 11.31
N PRO A 67 -13.43 4.72 10.51
CA PRO A 67 -14.26 5.19 9.39
C PRO A 67 -13.69 4.60 8.09
N VAL A 68 -14.44 3.68 7.50
CA VAL A 68 -14.00 2.98 6.32
C VAL A 68 -14.58 3.68 5.11
N LEU A 69 -13.72 4.37 4.37
CA LEU A 69 -14.14 5.12 3.24
C LEU A 69 -14.21 4.20 2.06
N GLN A 70 -15.39 4.11 1.43
CA GLN A 70 -15.65 3.10 0.36
C GLN A 70 -16.06 3.85 -0.89
N ARG A 71 -15.45 3.49 -2.02
CA ARG A 71 -15.55 4.40 -3.18
C ARG A 71 -15.40 3.48 -4.37
N THR A 72 -16.29 3.61 -5.36
CA THR A 72 -16.24 2.64 -6.46
C THR A 72 -14.89 2.83 -7.19
N LEU A 73 -14.27 1.69 -7.39
CA LEU A 73 -12.99 1.51 -8.15
C LEU A 73 -11.85 2.20 -7.41
N HIS A 74 -12.04 2.30 -6.08
CA HIS A 74 -10.94 2.63 -5.13
C HIS A 74 -10.75 1.53 -4.13
N TYR A 75 -9.52 1.42 -3.66
CA TYR A 75 -9.28 0.57 -2.55
C TYR A 75 -9.88 1.31 -1.32
N GLU A 76 -10.39 0.54 -0.40
CA GLU A 76 -10.99 1.07 0.88
C GLU A 76 -9.94 1.76 1.66
N CYS A 77 -10.25 2.94 2.19
CA CYS A 77 -9.34 3.69 3.05
C CYS A 77 -9.84 3.76 4.47
N ILE A 78 -8.89 3.94 5.41
CA ILE A 78 -9.20 4.19 6.84
C ILE A 78 -8.93 5.65 6.96
N VAL A 79 -9.94 6.41 7.41
CA VAL A 79 -9.81 7.84 7.56
C VAL A 79 -9.27 8.16 8.97
N LEU A 80 -8.17 8.91 9.03
CA LEU A 80 -7.49 9.20 10.28
C LEU A 80 -7.34 10.66 10.45
N VAL A 81 -7.07 11.11 11.64
CA VAL A 81 -6.88 12.56 11.85
C VAL A 81 -5.59 12.78 12.59
N LYS A 82 -4.99 13.93 12.30
CA LYS A 82 -3.70 14.37 12.86
C LYS A 82 -3.95 15.74 13.53
N GLN A 83 -3.56 15.83 14.82
CA GLN A 83 -3.83 16.97 15.69
C GLN A 83 -2.66 17.13 16.61
N PHE A 84 -2.43 18.34 17.05
CA PHE A 84 -1.57 18.57 18.17
C PHE A 84 -2.25 18.16 19.46
N ARG A 85 -1.56 17.37 20.26
CA ARG A 85 -2.03 16.88 21.56
C ARG A 85 -1.15 17.46 22.65
N PRO A 86 -1.70 18.43 23.36
CA PRO A 86 -0.87 18.99 24.42
C PRO A 86 -0.32 17.98 25.45
N PRO A 87 -1.11 16.98 25.94
CA PRO A 87 -0.43 16.00 26.83
C PRO A 87 0.82 15.33 26.31
N MET A 88 0.84 15.13 25.01
CA MET A 88 1.95 14.55 24.32
C MET A 88 3.03 15.53 23.90
N GLY A 89 2.76 16.85 23.93
CA GLY A 89 3.68 17.83 23.36
C GLY A 89 4.06 17.68 21.87
N GLY A 90 3.12 17.24 21.02
CA GLY A 90 3.37 17.01 19.64
C GLY A 90 2.11 16.51 18.91
N TYR A 91 2.28 16.27 17.62
CA TYR A 91 1.23 15.80 16.73
C TYR A 91 1.03 14.27 16.78
N CYS A 92 -0.24 13.86 16.79
CA CYS A 92 -0.59 12.45 16.93
C CYS A 92 -1.50 12.08 15.83
N ILE A 93 -1.43 10.84 15.38
CA ILE A 93 -2.31 10.33 14.28
C ILE A 93 -3.26 9.33 14.96
N GLU A 94 -4.57 9.62 14.86
CA GLU A 94 -5.58 8.87 15.57
C GLU A 94 -6.84 8.62 14.73
N PHE A 95 -7.65 7.69 15.20
CA PHE A 95 -9.05 7.61 14.78
C PHE A 95 -9.73 8.89 15.23
N PRO A 96 -10.71 9.42 14.42
CA PRO A 96 -11.53 10.50 14.84
C PRO A 96 -12.23 10.05 16.14
N ALA A 97 -12.39 11.00 17.03
CA ALA A 97 -12.80 10.76 18.38
C ALA A 97 -13.23 12.03 19.06
N GLY A 98 -14.15 11.84 20.04
CA GLY A 98 -14.51 12.89 21.00
C GLY A 98 -15.32 12.32 22.15
N LEU A 99 -15.59 13.17 23.13
CA LEU A 99 -16.35 12.75 24.27
C LEU A 99 -17.84 12.69 23.91
N ILE A 100 -18.61 11.87 24.60
CA ILE A 100 -20.01 11.70 24.34
C ILE A 100 -20.73 12.80 25.09
N ASP A 101 -21.55 13.60 24.42
CA ASP A 101 -22.26 14.72 25.15
C ASP A 101 -23.29 14.08 26.08
N ASP A 102 -23.67 14.74 27.19
CA ASP A 102 -24.74 14.18 28.10
C ASP A 102 -26.02 13.89 27.27
N GLY A 103 -26.52 12.67 27.33
CA GLY A 103 -27.74 12.32 26.64
C GLY A 103 -27.54 11.84 25.22
N GLU A 104 -26.32 12.02 24.71
CA GLU A 104 -26.01 11.57 23.37
C GLU A 104 -25.77 10.04 23.37
N THR A 105 -26.16 9.37 22.31
CA THR A 105 -25.84 7.92 22.18
C THR A 105 -24.37 7.77 21.66
N PRO A 106 -23.71 6.65 21.95
CA PRO A 106 -22.35 6.46 21.34
C PRO A 106 -22.37 6.56 19.80
N GLU A 107 -23.37 5.98 19.16
CA GLU A 107 -23.54 6.10 17.69
C GLU A 107 -23.66 7.50 17.16
N ALA A 108 -24.50 8.29 17.79
CA ALA A 108 -24.69 9.71 17.43
C ALA A 108 -23.42 10.54 17.67
N ALA A 109 -22.76 10.33 18.80
CA ALA A 109 -21.50 10.96 19.03
C ALA A 109 -20.45 10.63 17.95
N ALA A 110 -20.35 9.36 17.57
CA ALA A 110 -19.41 8.86 16.55
C ALA A 110 -19.69 9.54 15.21
N LEU A 111 -20.95 9.57 14.81
CA LEU A 111 -21.29 10.21 13.55
C LEU A 111 -21.07 11.70 13.58
N ARG A 112 -21.36 12.30 14.70
CA ARG A 112 -21.19 13.73 14.85
C ARG A 112 -19.71 14.09 14.84
N GLU A 113 -18.89 13.41 15.65
CA GLU A 113 -17.46 13.70 15.70
C GLU A 113 -16.79 13.47 14.32
N LEU A 114 -17.16 12.39 13.64
CA LEU A 114 -16.64 12.05 12.34
C LEU A 114 -16.91 13.19 11.40
N GLU A 115 -18.15 13.67 11.42
CA GLU A 115 -18.45 14.82 10.54
C GLU A 115 -17.71 16.08 10.93
N GLU A 116 -17.67 16.42 12.22
CA GLU A 116 -16.97 17.65 12.68
C GLU A 116 -15.49 17.62 12.31
N GLU A 117 -14.88 16.44 12.48
CA GLU A 117 -13.43 16.34 12.36
C GLU A 117 -12.96 16.12 10.93
N THR A 118 -13.76 15.43 10.13
CA THR A 118 -13.35 15.10 8.79
C THR A 118 -14.18 15.66 7.66
N GLY A 119 -15.38 16.16 7.98
CA GLY A 119 -16.36 16.47 6.93
C GLY A 119 -17.24 15.36 6.42
N TYR A 120 -16.84 14.11 6.63
CA TYR A 120 -17.56 12.98 6.12
C TYR A 120 -18.84 12.60 6.89
N LYS A 121 -19.87 12.21 6.12
CA LYS A 121 -21.08 11.73 6.69
C LYS A 121 -21.17 10.26 6.58
N GLY A 122 -20.99 9.58 7.70
CA GLY A 122 -20.95 8.16 7.70
C GLY A 122 -22.24 7.44 7.94
N ASP A 123 -22.20 6.13 7.84
CA ASP A 123 -23.28 5.20 8.17
C ASP A 123 -22.83 4.22 9.22
N ILE A 124 -23.55 4.09 10.31
CA ILE A 124 -23.13 3.20 11.40
C ILE A 124 -23.00 1.78 10.87
N ALA A 125 -21.90 1.09 11.21
CA ALA A 125 -21.77 -0.36 10.97
C ALA A 125 -21.91 -1.17 12.21
N GLU A 126 -21.16 -0.82 13.25
CA GLU A 126 -21.11 -1.58 14.50
C GLU A 126 -20.61 -0.70 15.59
N CYS A 127 -20.91 -1.11 16.79
CA CYS A 127 -20.56 -0.35 18.00
C CYS A 127 -20.13 -1.29 19.09
N SER A 128 -18.91 -1.09 19.59
CA SER A 128 -18.39 -1.94 20.64
C SER A 128 -19.07 -1.69 21.98
N PRO A 129 -18.92 -2.66 22.91
CA PRO A 129 -19.11 -2.31 24.32
C PRO A 129 -18.07 -1.28 24.77
N ALA A 130 -18.31 -0.64 25.91
CA ALA A 130 -17.35 0.27 26.47
C ALA A 130 -16.02 -0.47 26.71
N VAL A 131 -14.95 0.08 26.17
CA VAL A 131 -13.57 -0.50 26.27
C VAL A 131 -12.60 0.49 26.95
N CYS A 132 -11.64 -0.03 27.71
CA CYS A 132 -10.83 0.78 28.58
C CYS A 132 -9.61 1.29 27.88
N MET A 133 -9.34 2.57 28.05
CA MET A 133 -8.25 3.20 27.43
C MET A 133 -6.86 2.87 28.00
N ASP A 134 -6.72 2.74 29.33
CA ASP A 134 -5.39 2.59 29.91
C ASP A 134 -5.62 2.17 31.36
N PRO A 135 -6.04 0.90 31.56
CA PRO A 135 -6.79 0.55 32.73
C PRO A 135 -5.89 0.44 33.95
N GLY A 136 -4.57 0.34 33.75
CA GLY A 136 -3.62 0.39 34.89
C GLY A 136 -3.46 1.81 35.42
N LEU A 137 -4.07 2.78 34.74
CA LEU A 137 -3.84 4.21 35.00
C LEU A 137 -5.14 4.98 35.28
N SER A 138 -6.10 4.85 34.39
CA SER A 138 -7.37 5.60 34.42
C SER A 138 -8.64 4.70 34.34
N ASN A 139 -9.79 5.26 34.67
CA ASN A 139 -11.05 4.59 34.44
C ASN A 139 -11.57 4.94 33.03
N CYS A 140 -10.85 5.63 32.23
CA CYS A 140 -11.47 6.15 31.00
C CYS A 140 -11.83 5.03 30.04
N THR A 141 -12.97 5.25 29.40
CA THR A 141 -13.53 4.28 28.45
C THR A 141 -14.06 5.00 27.23
N ILE A 142 -14.11 4.17 26.17
CA ILE A 142 -14.72 4.55 24.88
C ILE A 142 -15.57 3.48 24.34
N HIS A 143 -16.48 3.86 23.43
CA HIS A 143 -17.01 2.92 22.46
C HIS A 143 -16.25 3.14 21.14
N ILE A 144 -15.86 2.04 20.51
CA ILE A 144 -15.23 2.03 19.26
C ILE A 144 -16.36 1.72 18.30
N VAL A 145 -16.59 2.67 17.43
CA VAL A 145 -17.72 2.66 16.49
C VAL A 145 -17.20 2.61 15.10
N THR A 146 -17.52 1.53 14.40
CA THR A 146 -17.12 1.33 12.99
C THR A 146 -18.22 1.97 12.17
N VAL A 147 -17.83 2.80 11.22
CA VAL A 147 -18.75 3.54 10.40
C VAL A 147 -18.23 3.40 8.98
N THR A 148 -19.09 3.13 8.00
CA THR A 148 -18.71 3.20 6.58
C THR A 148 -19.08 4.57 6.00
N ILE A 149 -18.30 5.09 5.06
CA ILE A 149 -18.53 6.35 4.43
C ILE A 149 -18.70 6.02 2.94
N ASN A 150 -19.85 6.42 2.36
CA ASN A 150 -20.10 6.15 0.96
C ASN A 150 -19.46 7.32 0.28
N GLY A 151 -18.22 7.09 -0.21
CA GLY A 151 -17.49 8.13 -0.88
C GLY A 151 -18.03 8.45 -2.26
N ASP A 152 -18.94 7.63 -2.77
CA ASP A 152 -19.63 7.96 -4.06
C ASP A 152 -20.79 8.92 -3.88
N ASP A 153 -21.27 9.11 -2.65
CA ASP A 153 -22.34 10.06 -2.39
C ASP A 153 -21.84 11.50 -2.55
N ALA A 154 -22.67 12.37 -3.13
CA ALA A 154 -22.29 13.78 -3.34
C ALA A 154 -22.09 14.55 -2.00
N GLU A 155 -22.80 14.08 -0.95
CA GLU A 155 -22.59 14.56 0.43
C GLU A 155 -21.10 14.49 0.82
N ASN A 156 -20.42 13.47 0.32
CA ASN A 156 -19.05 13.16 0.70
C ASN A 156 -18.04 13.46 -0.37
N ALA A 157 -18.38 14.39 -1.26
CA ALA A 157 -17.57 14.68 -2.42
C ALA A 157 -16.41 15.56 -2.04
N ARG A 158 -16.67 16.79 -1.57
CA ARG A 158 -15.60 17.75 -1.25
C ARG A 158 -15.71 18.27 0.21
N PRO A 159 -15.90 17.36 1.18
CA PRO A 159 -16.40 17.59 2.55
C PRO A 159 -15.61 18.60 3.42
N LYS A 160 -16.29 19.55 4.04
CA LYS A 160 -15.66 20.56 4.92
C LYS A 160 -15.66 20.05 6.38
N PRO A 161 -14.47 19.81 6.99
CA PRO A 161 -14.45 19.69 8.47
C PRO A 161 -15.13 20.90 9.13
N LYS A 162 -15.97 20.67 10.15
CA LYS A 162 -16.59 21.73 10.97
C LYS A 162 -15.96 21.66 12.36
N PRO A 163 -14.73 22.15 12.48
CA PRO A 163 -14.04 22.02 13.74
C PRO A 163 -14.56 23.02 14.80
N GLY A 164 -14.83 22.51 15.99
CA GLY A 164 -15.28 23.33 17.13
C GLY A 164 -14.21 24.31 17.52
N ASP A 165 -14.49 25.12 18.53
CA ASP A 165 -13.52 26.15 18.98
C ASP A 165 -12.24 25.48 19.50
N GLY A 166 -11.08 25.97 19.09
CA GLY A 166 -9.78 25.37 19.47
C GLY A 166 -9.42 23.98 18.90
N GLU A 167 -10.23 23.48 17.96
CA GLU A 167 -9.98 22.19 17.31
C GLU A 167 -9.26 22.51 16.00
N PHE A 168 -8.13 21.85 15.73
CA PHE A 168 -7.37 22.09 14.51
C PHE A 168 -6.92 20.72 13.99
N VAL A 169 -7.69 20.19 13.03
CA VAL A 169 -7.58 18.82 12.62
C VAL A 169 -7.26 18.67 11.13
N GLU A 170 -6.33 17.77 10.81
CA GLU A 170 -5.98 17.42 9.42
C GLU A 170 -6.45 15.99 9.21
N VAL A 171 -7.05 15.70 8.04
CA VAL A 171 -7.53 14.39 7.66
C VAL A 171 -6.49 13.64 6.82
N ILE A 172 -6.27 12.39 7.12
CA ILE A 172 -5.31 11.60 6.39
C ILE A 172 -6.03 10.31 6.13
N SER A 173 -6.31 10.04 4.86
CA SER A 173 -6.91 8.74 4.46
C SER A 173 -5.91 7.83 3.86
N LEU A 174 -5.82 6.61 4.36
CA LEU A 174 -4.77 5.69 4.00
C LEU A 174 -5.41 4.42 3.59
N PRO A 175 -4.90 3.75 2.54
CA PRO A 175 -5.51 2.51 2.14
C PRO A 175 -5.42 1.44 3.16
N LYS A 176 -6.55 0.83 3.43
CA LYS A 176 -6.64 -0.28 4.34
C LYS A 176 -5.63 -1.39 4.05
N ASN A 177 -5.43 -1.64 2.76
CA ASN A 177 -4.60 -2.74 2.30
C ASN A 177 -3.13 -2.51 2.51
N ASP A 178 -2.73 -1.31 2.88
CA ASP A 178 -1.29 -1.02 3.13
C ASP A 178 -1.13 -0.11 4.38
N LEU A 179 -2.03 -0.26 5.36
CA LEU A 179 -2.18 0.79 6.39
C LEU A 179 -0.87 0.91 7.24
N LEU A 180 -0.38 -0.22 7.67
CA LEU A 180 0.76 -0.23 8.55
C LEU A 180 2.01 0.41 7.86
N GLN A 181 2.25 0.09 6.60
CA GLN A 181 3.42 0.61 5.93
C GLN A 181 3.22 2.05 5.65
N ARG A 182 1.97 2.46 5.47
CA ARG A 182 1.76 3.84 5.22
C ARG A 182 1.95 4.74 6.45
N LEU A 183 1.55 4.19 7.57
CA LEU A 183 1.75 4.80 8.89
C LEU A 183 3.25 4.83 9.18
N ASP A 184 3.92 3.69 8.99
CA ASP A 184 5.40 3.63 9.21
C ASP A 184 6.04 4.70 8.33
N ALA A 185 5.60 4.90 7.10
CA ALA A 185 6.22 5.94 6.28
C ALA A 185 5.97 7.38 6.72
N LEU A 186 4.77 7.66 7.26
CA LEU A 186 4.52 8.99 7.84
C LEU A 186 5.39 9.27 9.07
N VAL A 187 5.60 8.26 9.90
CA VAL A 187 6.41 8.38 11.12
C VAL A 187 7.86 8.52 10.70
N ALA A 188 8.29 7.83 9.63
CA ALA A 188 9.65 8.12 9.09
C ALA A 188 9.91 9.60 8.66
N GLU A 189 8.89 10.25 8.09
CA GLU A 189 9.04 11.60 7.51
C GLU A 189 9.09 12.73 8.54
N GLU A 190 8.51 12.51 9.72
CA GLU A 190 8.37 13.60 10.68
C GLU A 190 8.22 13.10 12.11
N HIS A 191 8.44 13.97 13.09
CA HIS A 191 8.12 13.63 14.48
C HIS A 191 6.60 13.65 14.61
N LEU A 192 6.01 12.46 14.68
CA LEU A 192 4.63 12.34 15.07
C LEU A 192 4.51 10.99 15.70
N THR A 193 3.46 10.80 16.49
CA THR A 193 3.26 9.59 17.21
C THR A 193 1.95 8.98 16.67
N VAL A 194 1.97 7.68 16.48
CA VAL A 194 0.78 6.98 16.07
C VAL A 194 0.10 6.51 17.31
N ASP A 195 -1.21 6.63 17.32
CA ASP A 195 -2.03 6.10 18.40
C ASP A 195 -2.02 4.59 18.49
N ALA A 196 -1.97 4.10 19.72
CA ALA A 196 -1.90 2.65 19.93
C ALA A 196 -3.05 1.83 19.39
N ARG A 197 -4.23 2.45 19.36
CA ARG A 197 -5.39 1.76 18.77
C ARG A 197 -5.26 1.71 17.25
N VAL A 198 -4.85 2.79 16.64
CA VAL A 198 -4.62 2.78 15.19
C VAL A 198 -3.53 1.76 14.84
N TYR A 199 -2.45 1.76 15.64
CA TYR A 199 -1.35 0.79 15.37
C TYR A 199 -1.79 -0.64 15.51
N SER A 200 -2.60 -0.91 16.50
CA SER A 200 -3.12 -2.23 16.82
C SER A 200 -3.97 -2.79 15.66
N TYR A 201 -4.76 -1.91 15.11
CA TYR A 201 -5.70 -2.23 14.02
C TYR A 201 -4.86 -2.43 12.75
N ALA A 202 -3.93 -1.53 12.46
CA ALA A 202 -2.99 -1.75 11.33
C ALA A 202 -2.14 -3.03 11.45
N LEU A 203 -1.69 -3.38 12.64
CA LEU A 203 -1.06 -4.67 12.87
C LEU A 203 -1.95 -5.88 12.54
N ALA A 204 -3.19 -5.91 13.10
CA ALA A 204 -4.11 -7.01 12.81
C ALA A 204 -4.38 -7.14 11.31
N LEU A 205 -4.49 -6.02 10.58
CA LEU A 205 -4.73 -6.04 9.14
C LEU A 205 -3.54 -6.76 8.44
N LYS A 206 -2.34 -6.54 8.94
CA LYS A 206 -1.19 -7.32 8.45
C LYS A 206 -1.27 -8.75 8.87
N HIS A 207 -1.59 -9.03 10.14
CA HIS A 207 -1.53 -10.39 10.65
C HIS A 207 -2.64 -11.24 10.07
N ALA A 208 -3.69 -10.61 9.58
CA ALA A 208 -4.73 -11.37 8.95
C ALA A 208 -4.29 -11.62 7.49
N LYS B 15 3.82 24.36 14.07
CA LYS B 15 2.87 25.48 14.26
C LYS B 15 2.32 25.51 15.69
N GLN B 16 2.02 24.35 16.28
CA GLN B 16 1.60 24.32 17.69
C GLN B 16 2.74 23.78 18.55
N TYR B 17 2.77 24.20 19.79
CA TYR B 17 3.86 23.81 20.67
C TYR B 17 3.52 24.17 22.12
N ILE B 18 4.26 23.55 23.03
CA ILE B 18 4.15 23.74 24.45
C ILE B 18 4.93 25.03 24.80
N ILE B 19 4.33 25.88 25.62
CA ILE B 19 4.95 27.09 26.09
C ILE B 19 5.52 26.76 27.45
N SER B 20 4.72 26.20 28.36
CA SER B 20 5.14 25.84 29.70
C SER B 20 4.22 24.81 30.36
N GLU B 21 4.71 24.19 31.44
CA GLU B 21 3.93 23.23 32.19
C GLU B 21 4.01 23.59 33.66
N GLU B 22 2.86 23.53 34.34
CA GLU B 22 2.73 23.82 35.74
C GLU B 22 2.29 22.59 36.47
N LEU B 23 3.10 22.14 37.40
CA LEU B 23 2.64 21.09 38.26
C LEU B 23 1.32 21.40 39.02
N ILE B 24 0.37 20.49 38.97
CA ILE B 24 -0.82 20.64 39.82
C ILE B 24 -0.67 19.71 40.99
N SER B 25 -0.29 18.44 40.77
CA SER B 25 -0.21 17.49 41.88
C SER B 25 0.60 16.28 41.45
N GLU B 26 1.47 15.78 42.33
CA GLU B 26 2.42 14.72 41.98
C GLU B 26 2.28 13.65 42.99
N GLY B 27 1.89 12.46 42.57
CA GLY B 27 1.91 11.33 43.48
C GLY B 27 3.20 10.56 43.29
N LYS B 28 3.22 9.35 43.82
CA LYS B 28 4.33 8.47 43.66
C LYS B 28 4.40 7.88 42.24
N TRP B 29 3.25 7.62 41.61
CA TRP B 29 3.18 6.99 40.28
C TRP B 29 2.62 7.86 39.15
N VAL B 30 1.83 8.88 39.46
CA VAL B 30 1.18 9.74 38.42
C VAL B 30 1.26 11.18 38.89
N LYS B 31 1.39 12.13 37.96
CA LYS B 31 1.17 13.55 38.22
C LYS B 31 0.22 14.22 37.23
N LEU B 32 -0.39 15.31 37.67
CA LEU B 32 -1.24 16.15 36.87
C LEU B 32 -0.58 17.49 36.71
N GLU B 33 -0.58 17.98 35.48
CA GLU B 33 0.10 19.21 35.10
C GLU B 33 -0.87 20.08 34.36
N LYS B 34 -0.72 21.40 34.44
CA LYS B 34 -1.49 22.28 33.59
C LYS B 34 -0.53 22.77 32.52
N THR B 35 -0.79 22.42 31.26
CA THR B 35 0.03 22.68 30.09
C THR B 35 -0.46 23.91 29.37
N THR B 36 0.45 24.83 29.16
CA THR B 36 0.10 25.98 28.36
C THR B 36 0.72 25.81 26.97
N TYR B 37 -0.07 26.02 25.94
CA TYR B 37 0.42 25.81 24.57
C TYR B 37 -0.17 26.85 23.65
N MET B 38 0.45 26.93 22.47
CA MET B 38 0.12 27.91 21.49
C MET B 38 -0.74 27.26 20.43
N ASP B 39 -1.95 27.77 20.25
CA ASP B 39 -2.81 27.25 19.20
C ASP B 39 -2.39 27.82 17.83
N PRO B 40 -2.87 27.26 16.72
CA PRO B 40 -2.31 27.70 15.42
C PRO B 40 -2.66 29.13 15.04
N THR B 41 -3.67 29.73 15.68
CA THR B 41 -3.99 31.14 15.47
C THR B 41 -3.01 32.09 16.16
N GLY B 42 -2.18 31.60 17.09
CA GLY B 42 -1.34 32.47 17.92
C GLY B 42 -1.96 32.82 19.28
N LYS B 43 -3.06 32.14 19.63
CA LYS B 43 -3.72 32.25 20.92
C LYS B 43 -3.24 31.14 21.85
N THR B 44 -3.03 31.53 23.08
CA THR B 44 -2.40 30.75 24.12
C THR B 44 -3.56 30.03 24.81
N ARG B 45 -3.42 28.71 25.05
CA ARG B 45 -4.50 27.86 25.62
C ARG B 45 -3.91 26.88 26.60
N THR B 46 -4.76 26.30 27.45
CA THR B 46 -4.36 25.37 28.51
C THR B 46 -5.01 23.95 28.37
N TRP B 47 -4.33 22.97 28.93
CA TRP B 47 -4.76 21.57 28.90
C TRP B 47 -4.33 20.93 30.19
N GLU B 48 -5.14 20.05 30.74
CA GLU B 48 -4.76 19.37 31.99
C GLU B 48 -4.11 18.01 31.65
N SER B 49 -2.81 18.04 31.44
CA SER B 49 -2.02 16.87 31.00
C SER B 49 -1.60 15.95 32.15
N VAL B 50 -1.88 14.66 32.01
CA VAL B 50 -1.47 13.61 32.96
C VAL B 50 -0.19 12.92 32.50
N LYS B 51 0.71 12.60 33.44
CA LYS B 51 1.97 11.98 33.11
C LYS B 51 2.31 10.99 34.21
N ARG B 52 2.98 9.91 33.81
CA ARG B 52 3.58 9.04 34.86
C ARG B 52 4.83 9.73 35.44
N THR B 53 5.19 9.35 36.66
CA THR B 53 6.46 9.80 37.29
C THR B 53 7.63 8.81 37.11
N THR B 54 7.35 7.66 36.47
CA THR B 54 8.27 6.54 36.32
C THR B 54 9.16 6.54 35.04
N ARG B 55 8.91 7.42 34.07
CA ARG B 55 9.62 7.30 32.82
C ARG B 55 10.99 8.00 32.92
N LYS B 56 12.01 7.44 32.24
CA LYS B 56 13.43 7.91 32.28
C LYS B 56 13.93 8.30 30.90
N GLN B 58 13.78 6.02 28.80
CA GLN B 58 13.11 4.95 28.08
C GLN B 58 12.48 5.48 26.80
N THR B 59 12.25 4.52 25.91
CA THR B 59 11.60 4.69 24.58
C THR B 59 10.11 5.08 24.71
N ALA B 60 9.55 4.75 25.87
CA ALA B 60 8.13 4.65 26.13
C ALA B 60 8.01 4.23 27.57
N ASP B 61 6.82 4.44 28.15
CA ASP B 61 6.54 4.01 29.51
C ASP B 61 6.57 2.49 29.62
N GLY B 62 5.92 1.83 28.65
CA GLY B 62 5.52 0.43 28.80
C GLY B 62 5.69 -0.37 27.50
N VAL B 63 5.40 -1.66 27.62
CA VAL B 63 5.25 -2.53 26.45
C VAL B 63 3.94 -3.19 26.59
N ALA B 64 3.31 -3.51 25.45
CA ALA B 64 2.23 -4.47 25.45
C ALA B 64 2.56 -5.53 24.42
N VAL B 65 2.21 -6.75 24.69
CA VAL B 65 2.66 -7.88 23.95
C VAL B 65 1.44 -8.51 23.26
N ILE B 66 1.54 -8.62 21.94
CA ILE B 66 0.61 -9.40 21.18
C ILE B 66 1.20 -10.81 21.05
N PRO B 67 0.71 -11.76 21.86
CA PRO B 67 1.34 -13.09 21.91
C PRO B 67 0.52 -14.10 21.10
N VAL B 68 1.07 -14.50 19.96
CA VAL B 68 0.46 -15.48 19.07
C VAL B 68 0.94 -16.91 19.46
N LEU B 69 0.06 -17.65 20.12
CA LEU B 69 0.31 -19.03 20.50
C LEU B 69 0.02 -20.00 19.33
N GLN B 70 1.10 -20.59 18.84
CA GLN B 70 1.04 -21.45 17.66
C GLN B 70 1.28 -22.88 18.05
N ARG B 71 0.25 -23.72 18.00
CA ARG B 71 0.41 -25.14 18.21
C ARG B 71 -0.07 -25.82 16.94
N THR B 72 0.71 -26.78 16.46
CA THR B 72 0.25 -27.53 15.31
C THR B 72 -1.05 -28.30 15.59
N LEU B 73 -1.88 -28.37 14.55
CA LEU B 73 -3.21 -28.98 14.56
C LEU B 73 -4.21 -28.36 15.54
N HIS B 74 -3.97 -27.09 15.89
CA HIS B 74 -4.87 -26.30 16.70
C HIS B 74 -5.02 -24.95 16.02
N TYR B 75 -6.07 -24.22 16.39
CA TYR B 75 -6.15 -22.82 15.96
C TYR B 75 -5.09 -22.01 16.64
N GLU B 76 -4.54 -21.08 15.92
CA GLU B 76 -3.67 -20.07 16.48
C GLU B 76 -4.54 -19.25 17.44
N CYS B 77 -3.98 -18.97 18.62
CA CYS B 77 -4.62 -18.20 19.65
C CYS B 77 -3.79 -16.92 19.93
N ILE B 78 -4.52 -15.95 20.48
CA ILE B 78 -3.93 -14.75 21.01
C ILE B 78 -4.09 -14.91 22.52
N VAL B 79 -2.96 -14.82 23.21
CA VAL B 79 -2.94 -15.01 24.66
C VAL B 79 -3.23 -13.67 25.40
N LEU B 80 -4.27 -13.64 26.19
CA LEU B 80 -4.57 -12.42 26.93
C LEU B 80 -4.56 -12.65 28.43
N VAL B 81 -4.57 -11.53 29.14
CA VAL B 81 -4.64 -11.60 30.58
C VAL B 81 -5.83 -10.88 31.13
N LYS B 82 -6.35 -11.42 32.21
CA LYS B 82 -7.47 -10.88 32.95
C LYS B 82 -6.95 -10.53 34.38
N GLN B 83 -7.22 -9.31 34.83
CA GLN B 83 -6.66 -8.77 36.10
C GLN B 83 -7.65 -7.75 36.64
N PHE B 84 -7.67 -7.60 37.96
CA PHE B 84 -8.47 -6.56 38.59
C PHE B 84 -7.67 -5.29 38.36
N ARG B 85 -8.34 -4.25 37.92
CA ARG B 85 -7.70 -2.97 37.64
C ARG B 85 -8.31 -1.93 38.55
N PRO B 86 -7.58 -1.52 39.57
CA PRO B 86 -8.22 -0.57 40.51
C PRO B 86 -8.73 0.75 39.89
N PRO B 87 -8.01 1.36 38.92
CA PRO B 87 -8.66 2.52 38.31
C PRO B 87 -10.00 2.24 37.67
N MET B 88 -10.23 1.03 37.20
CA MET B 88 -11.49 0.69 36.56
C MET B 88 -12.54 0.18 37.55
N GLY B 89 -12.14 -0.20 38.77
CA GLY B 89 -13.11 -0.74 39.69
C GLY B 89 -13.54 -2.14 39.34
N GLY B 90 -12.77 -2.80 38.45
CA GLY B 90 -13.19 -4.13 38.02
C GLY B 90 -12.15 -4.85 37.18
N TYR B 91 -12.57 -6.00 36.66
CA TYR B 91 -11.72 -6.86 35.86
C TYR B 91 -11.72 -6.45 34.37
N CYS B 92 -10.55 -6.46 33.80
CA CYS B 92 -10.22 -6.11 32.44
C CYS B 92 -9.50 -7.26 31.76
N ILE B 93 -9.72 -7.37 30.45
CA ILE B 93 -9.02 -8.31 29.57
C ILE B 93 -8.12 -7.48 28.66
N GLU B 94 -6.84 -7.79 28.68
CA GLU B 94 -5.78 -7.02 28.05
C GLU B 94 -4.66 -7.90 27.45
N PHE B 95 -3.82 -7.31 26.60
CA PHE B 95 -2.57 -7.89 26.13
C PHE B 95 -1.64 -7.93 27.35
N PRO B 96 -0.82 -8.95 27.48
CA PRO B 96 0.18 -8.86 28.60
C PRO B 96 1.00 -7.62 28.44
N ALA B 97 1.42 -7.03 29.55
CA ALA B 97 1.97 -5.70 29.53
C ALA B 97 2.55 -5.33 30.85
N GLY B 98 3.57 -4.49 30.73
CA GLY B 98 4.07 -3.82 31.90
C GLY B 98 5.01 -2.70 31.54
N LEU B 99 5.42 -1.94 32.56
CA LEU B 99 6.46 -0.90 32.36
C LEU B 99 7.88 -1.47 32.09
N ILE B 100 8.61 -0.75 31.29
CA ILE B 100 9.94 -1.10 30.88
C ILE B 100 10.86 -0.66 32.03
N ASP B 101 11.61 -1.59 32.60
CA ASP B 101 12.63 -1.27 33.65
C ASP B 101 13.72 -0.34 33.12
N ASP B 102 14.31 0.49 33.99
CA ASP B 102 15.47 1.36 33.60
C ASP B 102 16.60 0.54 32.89
N GLY B 103 17.01 0.97 31.70
CA GLY B 103 17.99 0.25 30.88
C GLY B 103 17.56 -1.11 30.30
N GLU B 104 16.26 -1.42 30.35
CA GLU B 104 15.71 -2.59 29.65
C GLU B 104 15.31 -2.14 28.25
N THR B 105 15.50 -3.00 27.26
CA THR B 105 15.02 -2.75 25.89
C THR B 105 13.51 -3.08 25.80
N PRO B 106 12.78 -2.51 24.81
CA PRO B 106 11.33 -2.86 24.77
C PRO B 106 11.12 -4.36 24.46
N GLU B 107 11.98 -4.91 23.63
CA GLU B 107 11.97 -6.40 23.39
C GLU B 107 12.12 -7.24 24.63
N ALA B 108 13.06 -6.86 25.50
CA ALA B 108 13.37 -7.70 26.65
C ALA B 108 12.28 -7.55 27.66
N ALA B 109 11.72 -6.32 27.75
CA ALA B 109 10.54 -6.06 28.60
C ALA B 109 9.37 -6.93 28.17
N ALA B 110 9.17 -7.02 26.86
CA ALA B 110 8.11 -7.87 26.27
C ALA B 110 8.23 -9.32 26.64
N LEU B 111 9.41 -9.90 26.36
CA LEU B 111 9.61 -11.31 26.72
C LEU B 111 9.56 -11.54 28.18
N ARG B 112 10.06 -10.59 28.99
CA ARG B 112 9.99 -10.76 30.40
C ARG B 112 8.58 -10.66 30.92
N GLU B 113 7.83 -9.60 30.53
CA GLU B 113 6.43 -9.51 31.01
C GLU B 113 5.60 -10.67 30.57
N LEU B 114 5.83 -11.11 29.35
CA LEU B 114 5.04 -12.22 28.83
C LEU B 114 5.28 -13.44 29.66
N GLU B 115 6.55 -13.69 29.93
CA GLU B 115 6.86 -14.80 30.83
C GLU B 115 6.30 -14.67 32.19
N GLU B 116 6.48 -13.50 32.82
CA GLU B 116 5.93 -13.31 34.18
C GLU B 116 4.41 -13.47 34.29
N GLU B 117 3.71 -12.93 33.30
CA GLU B 117 2.26 -12.88 33.39
C GLU B 117 1.63 -14.16 32.87
N THR B 118 2.24 -14.80 31.86
CA THR B 118 1.62 -15.99 31.24
C THR B 118 2.37 -17.32 31.52
N GLY B 119 3.61 -17.19 31.94
CA GLY B 119 4.53 -18.30 31.87
C GLY B 119 5.02 -18.69 30.49
N TYR B 120 4.60 -18.05 29.39
CA TYR B 120 5.07 -18.47 28.07
C TYR B 120 6.36 -17.82 27.73
N LYS B 121 7.20 -18.57 27.00
CA LYS B 121 8.44 -18.09 26.44
C LYS B 121 8.29 -17.96 25.00
N GLY B 122 8.55 -16.76 24.46
CA GLY B 122 8.23 -16.48 23.09
C GLY B 122 9.42 -15.91 22.39
N ASP B 123 9.25 -15.62 21.11
CA ASP B 123 10.23 -15.05 20.23
C ASP B 123 9.66 -13.78 19.68
N ILE B 124 10.48 -12.75 19.59
CA ILE B 124 10.11 -11.48 18.93
C ILE B 124 9.89 -11.60 17.41
N ALA B 125 8.69 -11.18 16.96
CA ALA B 125 8.41 -11.06 15.52
C ALA B 125 8.68 -9.65 15.04
N GLU B 126 8.14 -8.67 15.75
CA GLU B 126 8.29 -7.29 15.32
C GLU B 126 8.00 -6.40 16.53
N CYS B 127 8.36 -5.12 16.45
CA CYS B 127 8.22 -4.21 17.58
C CYS B 127 7.88 -2.86 17.04
N SER B 128 6.81 -2.26 17.58
CA SER B 128 6.37 -0.97 17.06
C SER B 128 7.28 0.16 17.55
N PRO B 129 7.27 1.30 16.87
CA PRO B 129 7.65 2.53 17.56
C PRO B 129 6.77 2.87 18.76
N ALA B 130 7.23 3.86 19.55
CA ALA B 130 6.40 4.34 20.68
C ALA B 130 5.07 4.88 20.11
N VAL B 131 3.98 4.35 20.68
CA VAL B 131 2.60 4.70 20.32
C VAL B 131 1.89 5.20 21.56
N CYS B 132 0.98 6.14 21.37
CA CYS B 132 0.29 6.76 22.47
C CYS B 132 -0.93 6.02 22.98
N MET B 133 -1.12 6.06 24.27
CA MET B 133 -2.18 5.38 24.93
C MET B 133 -3.53 6.14 24.94
N ASP B 134 -3.48 7.44 25.29
CA ASP B 134 -4.65 8.25 25.33
C ASP B 134 -4.21 9.72 25.23
N PRO B 135 -3.95 10.20 24.01
CA PRO B 135 -3.07 11.39 23.85
C PRO B 135 -3.82 12.72 24.19
N GLY B 136 -5.18 12.67 24.23
CA GLY B 136 -6.02 13.75 24.71
C GLY B 136 -5.95 13.94 26.24
N LEU B 137 -5.35 12.99 26.91
CA LEU B 137 -5.33 12.99 28.36
C LEU B 137 -3.93 12.87 28.91
N SER B 138 -3.12 11.96 28.39
CA SER B 138 -1.84 11.60 29.00
C SER B 138 -0.71 11.60 28.02
N ASN B 139 0.52 11.62 28.52
CA ASN B 139 1.65 11.48 27.61
C ASN B 139 2.06 10.02 27.51
N CYS B 140 1.25 9.09 28.04
CA CYS B 140 1.66 7.72 28.17
C CYS B 140 1.83 7.04 26.83
N THR B 141 2.95 6.31 26.72
CA THR B 141 3.28 5.57 25.51
C THR B 141 3.74 4.14 25.78
N ILE B 142 3.59 3.29 24.75
CA ILE B 142 4.06 1.88 24.81
C ILE B 142 4.67 1.48 23.52
N HIS B 143 5.45 0.40 23.60
CA HIS B 143 5.81 -0.33 22.37
C HIS B 143 4.89 -1.53 22.30
N ILE B 144 4.24 -1.72 21.15
CA ILE B 144 3.49 -2.92 20.90
C ILE B 144 4.43 -3.95 20.29
N VAL B 145 4.56 -5.09 20.95
CA VAL B 145 5.58 -6.05 20.53
C VAL B 145 4.84 -7.35 20.21
N THR B 146 4.91 -7.72 18.93
CA THR B 146 4.34 -8.94 18.43
C THR B 146 5.34 -10.06 18.73
N VAL B 147 4.85 -11.14 19.32
CA VAL B 147 5.70 -12.22 19.78
C VAL B 147 5.01 -13.51 19.41
N THR B 148 5.75 -14.47 18.86
CA THR B 148 5.16 -15.80 18.63
C THR B 148 5.56 -16.75 19.75
N ILE B 149 4.69 -17.69 20.07
CA ILE B 149 4.95 -18.67 21.08
C ILE B 149 4.84 -20.06 20.45
N ASN B 150 5.98 -20.79 20.42
CA ASN B 150 5.96 -22.12 19.82
C ASN B 150 5.38 -23.02 20.87
N GLY B 151 4.07 -23.17 20.81
CA GLY B 151 3.32 -23.90 21.81
C GLY B 151 3.66 -25.43 21.82
N ASP B 152 4.41 -25.92 20.84
CA ASP B 152 4.81 -27.31 20.82
C ASP B 152 6.15 -27.61 21.51
N ASP B 153 6.93 -26.57 21.84
CA ASP B 153 8.16 -26.68 22.63
C ASP B 153 7.87 -27.15 24.04
N ALA B 154 8.79 -27.92 24.61
CA ALA B 154 8.66 -28.39 25.98
C ALA B 154 8.66 -27.23 26.99
N GLU B 155 9.37 -26.13 26.73
CA GLU B 155 9.40 -25.04 27.70
C GLU B 155 8.01 -24.37 27.87
N ASN B 156 7.14 -24.50 26.85
CA ASN B 156 5.76 -23.95 26.84
C ASN B 156 4.71 -25.01 27.02
N ALA B 157 5.10 -26.19 27.51
CA ALA B 157 4.14 -27.24 27.76
C ALA B 157 3.24 -26.97 28.98
N ARG B 158 3.87 -26.76 30.12
CA ARG B 158 3.14 -26.50 31.38
C ARG B 158 3.64 -25.12 31.82
N PRO B 159 3.13 -24.04 31.19
CA PRO B 159 3.75 -22.71 31.36
C PRO B 159 3.77 -22.21 32.83
N LYS B 160 4.94 -21.78 33.32
CA LYS B 160 5.11 -21.34 34.70
C LYS B 160 5.03 -19.77 34.82
N PRO B 161 3.87 -19.17 35.21
CA PRO B 161 3.76 -17.68 35.34
C PRO B 161 4.32 -17.15 36.65
N LYS B 162 5.30 -16.23 36.60
CA LYS B 162 5.92 -15.67 37.81
C LYS B 162 5.43 -14.25 38.14
N PRO B 163 4.29 -14.14 38.86
CA PRO B 163 3.86 -12.84 39.34
C PRO B 163 4.82 -12.28 40.38
N GLY B 164 5.33 -11.07 40.15
CA GLY B 164 5.92 -10.28 41.23
C GLY B 164 4.87 -9.93 42.31
N ASP B 165 5.31 -9.12 43.27
CA ASP B 165 4.45 -8.70 44.38
C ASP B 165 3.15 -8.00 43.89
N GLY B 166 2.02 -8.46 44.42
CA GLY B 166 0.69 -7.88 44.11
C GLY B 166 0.07 -8.13 42.73
N GLU B 167 0.76 -8.80 41.80
CA GLU B 167 0.12 -9.15 40.54
C GLU B 167 -0.73 -10.41 40.74
N PHE B 168 -1.94 -10.36 40.21
CA PHE B 168 -2.87 -11.49 40.21
C PHE B 168 -3.49 -11.56 38.81
N VAL B 169 -2.92 -12.45 38.02
CA VAL B 169 -3.18 -12.52 36.56
C VAL B 169 -3.74 -13.87 36.14
N GLU B 170 -4.93 -13.89 35.50
CA GLU B 170 -5.55 -15.11 34.91
C GLU B 170 -5.24 -15.07 33.41
N VAL B 171 -4.88 -16.22 32.82
CA VAL B 171 -4.46 -16.20 31.45
C VAL B 171 -5.67 -16.68 30.64
N ILE B 172 -5.97 -16.00 29.54
CA ILE B 172 -7.10 -16.44 28.65
C ILE B 172 -6.57 -16.41 27.22
N SER B 173 -6.50 -17.60 26.59
CA SER B 173 -6.15 -17.74 25.19
C SER B 173 -7.37 -17.87 24.36
N LEU B 174 -7.39 -17.12 23.29
CA LEU B 174 -8.54 -17.09 22.44
C LEU B 174 -8.14 -17.30 21.03
N PRO B 175 -8.96 -18.04 20.26
CA PRO B 175 -8.58 -18.22 18.87
C PRO B 175 -8.54 -16.96 18.09
N LYS B 176 -7.45 -16.73 17.33
CA LYS B 176 -7.28 -15.52 16.55
C LYS B 176 -8.38 -15.35 15.44
N ASN B 177 -8.79 -16.49 14.84
CA ASN B 177 -9.81 -16.46 13.78
C ASN B 177 -11.24 -16.08 14.21
N ASP B 178 -11.55 -16.10 15.51
CA ASP B 178 -12.87 -15.68 15.97
C ASP B 178 -12.74 -14.68 17.14
N LEU B 179 -11.62 -13.94 17.21
CA LEU B 179 -11.26 -13.20 18.43
C LEU B 179 -12.35 -12.24 18.84
N LEU B 180 -12.84 -11.41 17.90
CA LEU B 180 -13.88 -10.44 18.24
C LEU B 180 -15.17 -11.05 18.86
N GLN B 181 -15.69 -12.11 18.20
CA GLN B 181 -16.86 -12.82 18.76
C GLN B 181 -16.54 -13.44 20.12
N ARG B 182 -15.33 -13.95 20.31
CA ARG B 182 -15.03 -14.54 21.62
C ARG B 182 -14.97 -13.49 22.74
N LEU B 183 -14.46 -12.31 22.42
CA LEU B 183 -14.40 -11.25 23.38
C LEU B 183 -15.76 -10.71 23.74
N ASP B 184 -16.55 -10.45 22.72
CA ASP B 184 -17.96 -10.02 22.93
C ASP B 184 -18.68 -11.03 23.86
N ALA B 185 -18.46 -12.31 23.63
CA ALA B 185 -19.06 -13.32 24.51
C ALA B 185 -18.65 -13.17 25.99
N LEU B 186 -17.36 -12.94 26.23
CA LEU B 186 -16.88 -12.80 27.59
C LEU B 186 -17.46 -11.59 28.29
N VAL B 187 -17.47 -10.45 27.62
CA VAL B 187 -18.14 -9.24 28.10
C VAL B 187 -19.64 -9.52 28.44
N ALA B 188 -20.34 -10.18 27.53
CA ALA B 188 -21.73 -10.56 27.71
C ALA B 188 -21.94 -11.44 28.94
N GLU B 189 -21.02 -12.36 29.20
CA GLU B 189 -21.23 -13.39 30.20
C GLU B 189 -20.61 -13.04 31.55
N GLU B 190 -19.40 -12.48 31.53
CA GLU B 190 -18.50 -12.37 32.71
C GLU B 190 -18.44 -10.96 33.35
N HIS B 191 -19.17 -9.97 32.81
CA HIS B 191 -19.00 -8.52 33.14
C HIS B 191 -17.53 -8.02 33.28
N LEU B 192 -16.81 -8.16 32.19
CA LEU B 192 -15.44 -7.74 32.02
C LEU B 192 -15.38 -6.49 31.13
N THR B 193 -14.31 -5.72 31.25
CA THR B 193 -14.01 -4.67 30.26
C THR B 193 -12.84 -5.12 29.39
N VAL B 194 -13.04 -5.15 28.06
CA VAL B 194 -11.98 -5.38 27.12
C VAL B 194 -11.19 -4.12 26.89
N ASP B 195 -9.89 -4.26 26.86
CA ASP B 195 -8.96 -3.23 26.47
C ASP B 195 -9.14 -2.72 25.07
N ALA B 196 -8.99 -1.42 24.88
CA ALA B 196 -9.26 -0.82 23.55
C ALA B 196 -8.32 -1.27 22.45
N ARG B 197 -7.05 -1.51 22.81
CA ARG B 197 -6.12 -2.03 21.87
C ARG B 197 -6.43 -3.49 21.51
N VAL B 198 -6.81 -4.30 22.48
CA VAL B 198 -7.21 -5.67 22.20
C VAL B 198 -8.42 -5.62 21.25
N TYR B 199 -9.39 -4.77 21.59
CA TYR B 199 -10.60 -4.68 20.78
C TYR B 199 -10.31 -4.18 19.35
N SER B 200 -9.40 -3.23 19.20
CA SER B 200 -9.04 -2.68 17.94
C SER B 200 -8.40 -3.70 17.03
N TYR B 201 -7.48 -4.48 17.60
CA TYR B 201 -6.86 -5.63 16.92
C TYR B 201 -7.96 -6.64 16.46
N ALA B 202 -8.84 -7.05 17.37
CA ALA B 202 -9.90 -8.02 17.12
C ALA B 202 -10.83 -7.52 15.98
N LEU B 203 -11.13 -6.21 15.98
CA LEU B 203 -11.89 -5.60 14.91
C LEU B 203 -11.23 -5.71 13.56
N ALA B 204 -9.98 -5.29 13.44
CA ALA B 204 -9.25 -5.41 12.19
C ALA B 204 -9.07 -6.85 11.70
N LEU B 205 -8.92 -7.85 12.57
CA LEU B 205 -8.89 -9.26 12.10
C LEU B 205 -10.17 -9.56 11.27
N LYS B 206 -11.31 -9.07 11.74
CA LYS B 206 -12.59 -9.21 11.01
C LYS B 206 -12.67 -8.29 9.80
N HIS B 207 -12.23 -7.06 9.92
CA HIS B 207 -12.36 -6.13 8.81
C HIS B 207 -11.39 -6.41 7.60
N ALA B 208 -10.30 -7.16 7.86
CA ALA B 208 -9.30 -7.45 6.84
C ALA B 208 -9.91 -8.10 5.59
N ASN B 209 -9.38 -7.72 4.42
CA ASN B 209 -9.75 -8.31 3.12
C ASN B 209 -11.27 -8.25 2.84
N GLN C 16 -17.87 0.30 -16.25
CA GLN C 16 -17.76 -0.84 -17.23
C GLN C 16 -17.29 -2.10 -16.52
N TYR C 17 -17.70 -3.27 -16.98
CA TYR C 17 -17.36 -4.50 -16.31
C TYR C 17 -17.49 -5.65 -17.25
N ILE C 18 -16.84 -6.74 -16.86
CA ILE C 18 -16.79 -7.94 -17.66
C ILE C 18 -18.04 -8.69 -17.36
N ILE C 19 -18.70 -9.20 -18.39
CA ILE C 19 -19.84 -10.15 -18.27
C ILE C 19 -19.40 -11.62 -18.40
N SER C 20 -18.64 -11.93 -19.44
CA SER C 20 -18.36 -13.32 -19.82
C SER C 20 -17.03 -13.43 -20.56
N GLU C 21 -16.30 -14.53 -20.24
CA GLU C 21 -15.04 -14.88 -20.89
C GLU C 21 -15.19 -16.28 -21.55
N GLU C 22 -15.52 -16.26 -22.85
CA GLU C 22 -15.76 -17.42 -23.70
C GLU C 22 -14.47 -17.91 -24.39
N LEU C 23 -14.04 -19.12 -24.02
CA LEU C 23 -12.81 -19.75 -24.55
C LEU C 23 -12.81 -20.20 -26.05
N ILE C 24 -11.98 -19.57 -26.92
CA ILE C 24 -11.80 -19.95 -28.36
C ILE C 24 -10.77 -21.08 -28.57
N SER C 25 -9.45 -20.85 -28.46
CA SER C 25 -8.46 -21.96 -28.50
C SER C 25 -7.49 -21.84 -27.33
N GLU C 26 -7.19 -22.98 -26.70
CA GLU C 26 -6.22 -23.05 -25.63
C GLU C 26 -5.03 -23.80 -26.17
N GLY C 27 -3.89 -23.13 -26.20
CA GLY C 27 -2.64 -23.74 -26.57
C GLY C 27 -1.93 -24.26 -25.35
N LYS C 28 -0.74 -24.80 -25.57
CA LYS C 28 0.15 -25.26 -24.50
C LYS C 28 0.77 -24.10 -23.67
N TRP C 29 0.82 -22.89 -24.24
CA TRP C 29 1.42 -21.68 -23.59
C TRP C 29 0.58 -20.40 -23.62
N VAL C 30 -0.33 -20.23 -24.58
CA VAL C 30 -1.29 -19.05 -24.64
C VAL C 30 -2.75 -19.50 -24.90
N LYS C 31 -3.74 -18.62 -24.71
CA LYS C 31 -5.11 -18.88 -25.12
C LYS C 31 -5.77 -17.66 -25.72
N LEU C 32 -6.76 -17.88 -26.57
CA LEU C 32 -7.58 -16.80 -27.13
C LEU C 32 -8.98 -16.85 -26.46
N GLU C 33 -9.70 -15.72 -26.38
CA GLU C 33 -11.04 -15.69 -25.78
C GLU C 33 -11.94 -14.58 -26.37
N LYS C 34 -13.26 -14.80 -26.31
CA LYS C 34 -14.25 -13.75 -26.60
C LYS C 34 -14.63 -13.22 -25.22
N THR C 35 -14.49 -11.92 -25.07
CA THR C 35 -14.72 -11.23 -23.83
C THR C 35 -16.04 -10.52 -24.09
N THR C 36 -16.97 -10.51 -23.12
CA THR C 36 -18.19 -9.71 -23.28
C THR C 36 -18.30 -8.81 -22.08
N TYR C 37 -18.69 -7.57 -22.34
CA TYR C 37 -18.45 -6.45 -21.43
C TYR C 37 -19.55 -5.36 -21.63
N MET C 38 -19.98 -4.71 -20.54
CA MET C 38 -20.89 -3.58 -20.67
C MET C 38 -20.12 -2.30 -20.80
N ASP C 39 -20.47 -1.50 -21.78
CA ASP C 39 -19.92 -0.18 -21.89
C ASP C 39 -20.61 0.76 -20.92
N PRO C 40 -20.14 2.02 -20.93
CA PRO C 40 -20.58 3.08 -20.03
C PRO C 40 -22.04 3.55 -20.29
N THR C 41 -22.45 3.58 -21.57
CA THR C 41 -23.84 3.91 -21.93
C THR C 41 -24.83 2.79 -21.55
N GLY C 42 -24.34 1.55 -21.37
CA GLY C 42 -25.15 0.36 -21.05
C GLY C 42 -25.26 -0.67 -22.17
N LYS C 43 -24.63 -0.39 -23.33
CA LYS C 43 -24.55 -1.33 -24.47
C LYS C 43 -23.56 -2.47 -24.21
N THR C 44 -24.08 -3.70 -24.35
CA THR C 44 -23.27 -4.93 -24.29
C THR C 44 -22.37 -5.00 -25.56
N ARG C 45 -21.05 -5.13 -25.39
CA ARG C 45 -20.11 -5.22 -26.53
C ARG C 45 -19.22 -6.41 -26.35
N THR C 46 -18.33 -6.64 -27.31
CA THR C 46 -17.46 -7.80 -27.27
C THR C 46 -16.00 -7.45 -27.74
N TRP C 47 -15.08 -8.37 -27.45
CA TRP C 47 -13.62 -8.20 -27.67
C TRP C 47 -12.93 -9.55 -27.75
N GLU C 48 -11.97 -9.71 -28.66
CA GLU C 48 -11.16 -10.94 -28.72
C GLU C 48 -9.91 -10.77 -27.83
N SER C 49 -9.99 -11.23 -26.59
CA SER C 49 -8.91 -11.06 -25.61
C SER C 49 -7.94 -12.26 -25.60
N VAL C 50 -6.65 -11.97 -25.44
CA VAL C 50 -5.63 -12.99 -25.35
C VAL C 50 -5.12 -13.00 -23.93
N LYS C 51 -4.69 -14.17 -23.47
CA LYS C 51 -4.23 -14.37 -22.15
C LYS C 51 -3.27 -15.59 -22.19
N ARG C 52 -2.16 -15.55 -21.46
CA ARG C 52 -1.22 -16.70 -21.34
C ARG C 52 -1.78 -17.72 -20.41
N THR C 53 -1.20 -18.93 -20.39
CA THR C 53 -1.72 -20.04 -19.57
C THR C 53 -0.82 -20.50 -18.42
N THR C 54 0.24 -19.76 -18.17
CA THR C 54 1.25 -20.12 -17.17
C THR C 54 1.13 -19.34 -15.81
N ARG C 55 0.17 -18.41 -15.72
CA ARG C 55 0.05 -17.46 -14.60
C ARG C 55 -0.62 -18.10 -13.38
N LYS C 56 -0.05 -17.86 -12.19
CA LYS C 56 -0.60 -18.40 -10.90
C LYS C 56 -1.15 -17.26 -10.05
N GLN C 58 0.56 -15.07 -8.22
CA GLN C 58 1.68 -14.61 -9.05
C GLN C 58 1.35 -13.18 -9.38
N THR C 59 2.19 -12.25 -8.91
CA THR C 59 1.94 -10.79 -9.04
C THR C 59 1.76 -10.30 -10.49
N ALA C 60 2.32 -11.08 -11.42
CA ALA C 60 2.31 -10.75 -12.85
C ALA C 60 2.84 -11.98 -13.59
N ASP C 61 2.69 -12.00 -14.91
CA ASP C 61 3.28 -13.07 -15.70
C ASP C 61 4.81 -13.10 -15.58
N GLY C 62 5.41 -11.90 -15.68
CA GLY C 62 6.88 -11.90 -15.86
C GLY C 62 7.58 -10.74 -15.22
N VAL C 63 8.90 -10.69 -15.40
CA VAL C 63 9.66 -9.47 -15.05
C VAL C 63 10.54 -9.05 -16.25
N ALA C 64 10.78 -7.76 -16.36
CA ALA C 64 11.79 -7.19 -17.24
C ALA C 64 12.74 -6.41 -16.34
N VAL C 65 14.04 -6.49 -16.66
CA VAL C 65 15.06 -5.99 -15.76
C VAL C 65 15.66 -4.82 -16.49
N ILE C 66 15.68 -3.65 -15.83
CA ILE C 66 16.43 -2.51 -16.36
C ILE C 66 17.81 -2.53 -15.68
N PRO C 67 18.87 -2.96 -16.40
CA PRO C 67 20.08 -3.33 -15.66
C PRO C 67 21.12 -2.24 -15.91
N VAL C 68 21.36 -1.48 -14.88
CA VAL C 68 22.19 -0.27 -15.00
C VAL C 68 23.58 -0.68 -14.54
N LEU C 69 24.46 -0.68 -15.50
CA LEU C 69 25.88 -1.11 -15.31
C LEU C 69 26.67 0.14 -14.90
N GLN C 70 27.15 0.10 -13.68
CA GLN C 70 27.76 1.23 -13.02
C GLN C 70 29.25 0.92 -12.81
N ARG C 71 30.10 1.86 -13.20
CA ARG C 71 31.58 1.63 -13.14
C ARG C 71 32.24 2.95 -12.77
N THR C 72 33.30 2.92 -11.97
CA THR C 72 33.96 4.15 -11.51
C THR C 72 34.33 5.07 -12.62
N LEU C 73 34.86 4.48 -13.69
CA LEU C 73 35.50 5.27 -14.72
C LEU C 73 34.60 5.63 -15.87
N HIS C 74 33.35 5.18 -15.84
CA HIS C 74 32.52 5.29 -17.02
C HIS C 74 31.14 5.87 -16.75
N TYR C 75 30.55 6.37 -17.79
CA TYR C 75 29.12 6.70 -17.76
C TYR C 75 28.32 5.40 -17.66
N GLU C 76 27.11 5.45 -17.11
CA GLU C 76 26.34 4.20 -16.91
C GLU C 76 25.97 3.62 -18.25
N CYS C 77 25.88 2.27 -18.28
CA CYS C 77 25.31 1.61 -19.45
C CYS C 77 24.03 0.94 -19.06
N ILE C 78 23.19 0.73 -20.06
CA ILE C 78 21.95 -0.05 -19.92
C ILE C 78 22.28 -1.38 -20.62
N VAL C 79 22.13 -2.49 -19.89
CA VAL C 79 22.46 -3.85 -20.44
C VAL C 79 21.23 -4.41 -21.09
N LEU C 80 21.27 -4.72 -22.39
CA LEU C 80 20.15 -5.24 -23.13
C LEU C 80 20.54 -6.60 -23.72
N VAL C 81 19.52 -7.34 -24.14
CA VAL C 81 19.78 -8.64 -24.81
C VAL C 81 19.18 -8.70 -26.17
N LYS C 82 19.87 -9.38 -27.09
CA LYS C 82 19.38 -9.57 -28.47
C LYS C 82 19.17 -11.11 -28.65
N GLN C 83 18.03 -11.45 -29.17
CA GLN C 83 17.66 -12.85 -29.33
C GLN C 83 16.68 -12.97 -30.44
N PHE C 84 16.69 -14.15 -31.04
CA PHE C 84 15.70 -14.46 -32.03
C PHE C 84 14.38 -14.73 -31.33
N ARG C 85 13.32 -14.18 -31.87
CA ARG C 85 11.96 -14.20 -31.31
C ARG C 85 11.02 -14.73 -32.39
N PRO C 86 10.59 -16.01 -32.26
CA PRO C 86 9.68 -16.63 -33.27
C PRO C 86 8.44 -15.92 -33.68
N PRO C 87 7.67 -15.38 -32.71
CA PRO C 87 6.53 -14.63 -33.14
C PRO C 87 6.87 -13.45 -34.07
N MET C 88 8.04 -12.85 -33.88
CA MET C 88 8.42 -11.71 -34.67
C MET C 88 9.14 -12.14 -35.98
N GLY C 89 9.59 -13.38 -36.03
CA GLY C 89 10.41 -13.91 -37.14
C GLY C 89 11.75 -13.24 -37.34
N GLY C 90 12.27 -12.63 -36.28
CA GLY C 90 13.55 -11.96 -36.33
C GLY C 90 14.06 -11.69 -34.92
N TYR C 91 15.11 -10.90 -34.90
CA TYR C 91 15.89 -10.63 -33.74
C TYR C 91 15.31 -9.35 -33.14
N CYS C 92 15.27 -9.34 -31.79
CA CYS C 92 14.77 -8.23 -31.06
C CYS C 92 15.74 -7.81 -30.02
N ILE C 93 15.74 -6.49 -29.75
CA ILE C 93 16.54 -5.95 -28.69
C ILE C 93 15.60 -5.63 -27.48
N GLU C 94 15.92 -6.16 -26.32
CA GLU C 94 15.00 -6.07 -25.13
C GLU C 94 15.75 -5.92 -23.84
N PHE C 95 15.01 -5.52 -22.79
CA PHE C 95 15.51 -5.72 -21.45
C PHE C 95 15.57 -7.23 -21.18
N PRO C 96 16.59 -7.70 -20.45
CA PRO C 96 16.61 -9.04 -19.90
C PRO C 96 15.25 -9.30 -19.18
N ALA C 97 14.68 -10.49 -19.38
CA ALA C 97 13.32 -10.73 -19.03
C ALA C 97 12.98 -12.19 -18.98
N GLY C 98 11.97 -12.51 -18.18
CA GLY C 98 11.57 -13.91 -18.04
C GLY C 98 10.32 -14.04 -17.17
N LEU C 99 9.73 -15.22 -17.22
CA LEU C 99 8.56 -15.49 -16.38
C LEU C 99 9.00 -15.73 -14.93
N ILE C 100 8.17 -15.26 -14.01
CA ILE C 100 8.38 -15.57 -12.56
C ILE C 100 8.13 -17.09 -12.23
N ASP C 101 9.09 -17.81 -11.65
CA ASP C 101 8.88 -19.21 -11.24
C ASP C 101 7.82 -19.34 -10.14
N ASP C 102 7.41 -20.57 -9.83
CA ASP C 102 6.53 -20.87 -8.67
C ASP C 102 7.17 -20.51 -7.30
N GLY C 103 6.50 -19.66 -6.54
CA GLY C 103 6.97 -19.25 -5.21
C GLY C 103 8.17 -18.29 -5.26
N GLU C 104 8.33 -17.56 -6.37
CA GLU C 104 9.49 -16.65 -6.57
C GLU C 104 9.02 -15.25 -6.47
N THR C 105 9.70 -14.44 -5.70
CA THR C 105 9.44 -12.99 -5.78
C THR C 105 9.80 -12.39 -7.20
N PRO C 106 9.09 -11.33 -7.64
CA PRO C 106 9.59 -10.58 -8.81
C PRO C 106 11.09 -10.26 -8.64
N GLU C 107 11.49 -9.82 -7.44
CA GLU C 107 12.87 -9.45 -7.23
C GLU C 107 13.88 -10.61 -7.48
N ALA C 108 13.58 -11.80 -7.00
CA ALA C 108 14.50 -12.90 -7.14
C ALA C 108 14.51 -13.34 -8.63
N ALA C 109 13.33 -13.32 -9.26
CA ALA C 109 13.15 -13.58 -10.69
C ALA C 109 14.06 -12.64 -11.50
N ALA C 110 13.99 -11.36 -11.17
CA ALA C 110 14.75 -10.38 -11.84
C ALA C 110 16.29 -10.65 -11.75
N LEU C 111 16.78 -10.98 -10.55
CA LEU C 111 18.22 -11.22 -10.40
C LEU C 111 18.64 -12.55 -11.05
N ARG C 112 17.77 -13.56 -10.95
CA ARG C 112 18.03 -14.86 -11.59
C ARG C 112 18.14 -14.74 -13.13
N GLU C 113 17.13 -14.20 -13.74
CA GLU C 113 17.04 -13.98 -15.19
C GLU C 113 18.17 -13.05 -15.69
N LEU C 114 18.48 -12.00 -14.93
CA LEU C 114 19.61 -11.13 -15.27
C LEU C 114 20.90 -11.95 -15.28
N GLU C 115 21.16 -12.71 -14.21
CA GLU C 115 22.36 -13.50 -14.15
C GLU C 115 22.43 -14.58 -15.30
N GLU C 116 21.33 -15.22 -15.59
CA GLU C 116 21.29 -16.25 -16.62
C GLU C 116 21.55 -15.70 -18.04
N GLU C 117 20.91 -14.56 -18.33
CA GLU C 117 20.83 -13.97 -19.66
C GLU C 117 22.10 -13.10 -19.97
N THR C 118 22.71 -12.54 -18.93
CA THR C 118 23.88 -11.69 -19.11
C THR C 118 25.14 -12.08 -18.39
N GLY C 119 25.03 -12.90 -17.34
CA GLY C 119 26.12 -13.17 -16.42
C GLY C 119 26.40 -12.14 -15.35
N TYR C 120 25.74 -10.98 -15.42
CA TYR C 120 25.92 -10.02 -14.35
C TYR C 120 25.18 -10.40 -13.02
N LYS C 121 25.84 -10.14 -11.91
CA LYS C 121 25.25 -10.24 -10.59
C LYS C 121 24.90 -8.81 -10.17
N GLY C 122 23.62 -8.55 -9.99
CA GLY C 122 23.14 -7.22 -9.60
C GLY C 122 22.46 -7.16 -8.27
N ASP C 123 22.00 -5.97 -7.97
CA ASP C 123 21.36 -5.57 -6.70
C ASP C 123 20.05 -4.88 -7.07
N ILE C 124 18.96 -5.27 -6.39
CA ILE C 124 17.70 -4.66 -6.68
C ILE C 124 17.77 -3.19 -6.30
N ALA C 125 17.34 -2.31 -7.18
CA ALA C 125 17.11 -0.92 -6.82
C ALA C 125 15.64 -0.61 -6.51
N GLU C 126 14.76 -1.07 -7.36
CA GLU C 126 13.33 -0.64 -7.31
C GLU C 126 12.54 -1.70 -8.11
N CYS C 127 11.26 -1.82 -7.78
CA CYS C 127 10.40 -2.84 -8.44
C CYS C 127 9.06 -2.19 -8.65
N SER C 128 8.63 -2.10 -9.91
CA SER C 128 7.32 -1.52 -10.26
C SER C 128 6.15 -2.36 -9.75
N PRO C 129 4.97 -1.72 -9.67
CA PRO C 129 3.81 -2.63 -9.54
C PRO C 129 3.62 -3.40 -10.88
N ALA C 130 2.73 -4.39 -10.92
CA ALA C 130 2.30 -5.01 -12.22
C ALA C 130 1.80 -4.02 -13.24
N VAL C 131 2.43 -4.01 -14.46
CA VAL C 131 2.16 -3.01 -15.51
C VAL C 131 1.78 -3.81 -16.75
N CYS C 132 0.80 -3.28 -17.50
CA CYS C 132 0.21 -3.98 -18.63
C CYS C 132 1.16 -3.89 -19.89
N MET C 133 1.28 -4.98 -20.61
CA MET C 133 2.08 -5.01 -21.88
C MET C 133 1.40 -4.51 -23.14
N ASP C 134 0.20 -5.01 -23.38
CA ASP C 134 -0.51 -4.60 -24.58
C ASP C 134 -1.99 -4.72 -24.26
N PRO C 135 -2.53 -3.72 -23.53
CA PRO C 135 -3.82 -3.90 -22.84
C PRO C 135 -5.10 -3.90 -23.73
N GLY C 136 -4.98 -3.36 -24.95
CA GLY C 136 -6.00 -3.43 -26.03
C GLY C 136 -6.10 -4.83 -26.66
N LEU C 137 -5.30 -5.76 -26.18
CA LEU C 137 -5.14 -7.04 -26.79
C LEU C 137 -4.90 -8.20 -25.85
N SER C 138 -4.16 -8.04 -24.79
CA SER C 138 -3.89 -9.17 -23.92
C SER C 138 -3.92 -8.59 -22.51
N ASN C 139 -3.96 -9.49 -21.57
CA ASN C 139 -3.98 -9.08 -20.15
C ASN C 139 -2.57 -9.20 -19.56
N CYS C 140 -1.58 -9.57 -20.38
CA CYS C 140 -0.21 -9.83 -19.91
C CYS C 140 0.39 -8.71 -19.09
N THR C 141 1.04 -9.07 -17.99
CA THR C 141 1.63 -8.07 -17.07
C THR C 141 3.08 -8.44 -16.71
N ILE C 142 3.84 -7.38 -16.39
CA ILE C 142 5.18 -7.59 -15.79
C ILE C 142 5.39 -6.69 -14.60
N HIS C 143 6.43 -7.02 -13.81
CA HIS C 143 7.11 -6.00 -13.00
C HIS C 143 8.43 -5.57 -13.74
N ILE C 144 8.64 -4.25 -13.79
CA ILE C 144 9.82 -3.65 -14.33
C ILE C 144 10.67 -3.45 -13.07
N VAL C 145 11.75 -4.23 -12.98
CA VAL C 145 12.63 -4.22 -11.84
C VAL C 145 13.99 -3.54 -12.25
N THR C 146 14.27 -2.40 -11.63
CA THR C 146 15.50 -1.67 -11.89
C THR C 146 16.59 -2.32 -11.07
N VAL C 147 17.71 -2.71 -11.72
CA VAL C 147 18.75 -3.44 -11.01
C VAL C 147 20.11 -2.76 -11.26
N THR C 148 20.93 -2.57 -10.21
CA THR C 148 22.24 -1.90 -10.39
C THR C 148 23.23 -3.02 -10.46
N ILE C 149 24.19 -2.89 -11.35
CA ILE C 149 25.32 -3.83 -11.41
C ILE C 149 26.62 -3.08 -11.18
N ASN C 150 27.38 -3.48 -10.14
CA ASN C 150 28.71 -2.96 -9.90
C ASN C 150 29.63 -3.65 -10.91
N GLY C 151 29.88 -2.94 -11.97
CA GLY C 151 30.83 -3.35 -13.03
C GLY C 151 32.28 -3.46 -12.62
N ASP C 152 32.65 -2.86 -11.51
CA ASP C 152 34.03 -2.86 -11.05
C ASP C 152 34.33 -3.98 -10.10
N ASP C 153 33.29 -4.59 -9.57
CA ASP C 153 33.47 -5.63 -8.60
C ASP C 153 34.11 -6.78 -9.36
N ALA C 154 35.07 -7.44 -8.71
CA ALA C 154 35.80 -8.52 -9.33
C ALA C 154 34.83 -9.60 -9.79
N GLU C 155 33.79 -9.87 -8.98
CA GLU C 155 32.78 -10.87 -9.36
C GLU C 155 32.04 -10.60 -10.67
N ASN C 156 31.96 -9.33 -11.11
CA ASN C 156 31.42 -9.02 -12.41
C ASN C 156 32.52 -8.82 -13.49
N ALA C 157 33.76 -9.24 -13.24
CA ALA C 157 34.81 -8.99 -14.23
C ALA C 157 34.59 -9.67 -15.58
N ARG C 158 34.07 -10.87 -15.57
CA ARG C 158 34.04 -11.73 -16.72
C ARG C 158 32.66 -12.30 -16.82
N PRO C 159 31.64 -11.46 -17.04
CA PRO C 159 30.26 -11.94 -17.07
C PRO C 159 30.00 -13.05 -18.08
N LYS C 160 29.40 -14.15 -17.63
CA LYS C 160 29.14 -15.33 -18.48
C LYS C 160 27.67 -15.69 -18.49
N PRO C 161 26.96 -15.39 -19.59
CA PRO C 161 25.62 -15.87 -19.53
C PRO C 161 25.60 -17.39 -19.31
N LYS C 162 24.65 -17.93 -18.55
CA LYS C 162 24.41 -19.38 -18.53
C LYS C 162 22.91 -19.54 -18.76
N PRO C 163 22.46 -19.54 -20.02
CA PRO C 163 21.03 -19.41 -20.22
C PRO C 163 20.40 -20.79 -20.37
N GLY C 164 19.08 -20.82 -20.48
CA GLY C 164 18.35 -22.09 -20.60
C GLY C 164 18.73 -22.87 -21.84
N ASP C 165 18.46 -24.16 -21.82
CA ASP C 165 18.43 -24.96 -23.04
C ASP C 165 17.43 -24.31 -23.99
N GLY C 166 17.83 -24.10 -25.24
CA GLY C 166 17.02 -23.33 -26.20
C GLY C 166 17.03 -21.79 -26.09
N GLU C 167 17.71 -21.21 -25.08
CA GLU C 167 17.86 -19.75 -24.99
C GLU C 167 19.21 -19.43 -25.62
N PHE C 168 19.19 -18.51 -26.58
CA PHE C 168 20.40 -18.08 -27.30
C PHE C 168 20.41 -16.57 -27.20
N VAL C 169 21.25 -16.03 -26.34
CA VAL C 169 21.21 -14.63 -25.97
C VAL C 169 22.50 -13.96 -26.21
N GLU C 170 22.44 -12.77 -26.82
CA GLU C 170 23.64 -11.95 -26.96
C GLU C 170 23.45 -10.70 -26.14
N VAL C 171 24.51 -10.31 -25.44
CA VAL C 171 24.47 -9.15 -24.55
C VAL C 171 25.00 -7.95 -25.29
N ILE C 172 24.26 -6.82 -25.21
CA ILE C 172 24.70 -5.54 -25.71
C ILE C 172 24.51 -4.50 -24.59
N SER C 173 25.57 -3.81 -24.17
CA SER C 173 25.52 -2.72 -23.22
C SER C 173 25.71 -1.38 -23.90
N LEU C 174 24.74 -0.49 -23.74
CA LEU C 174 24.78 0.80 -24.41
C LEU C 174 24.75 1.92 -23.42
N PRO C 175 25.48 3.03 -23.69
CA PRO C 175 25.52 4.11 -22.73
C PRO C 175 24.14 4.74 -22.48
N LYS C 176 23.77 4.92 -21.22
CA LYS C 176 22.44 5.50 -20.87
C LYS C 176 22.26 6.94 -21.44
N ASN C 177 23.32 7.72 -21.38
CA ASN C 177 23.31 9.11 -21.94
C ASN C 177 23.29 9.24 -23.48
N ASP C 178 23.38 8.12 -24.18
CA ASP C 178 23.22 8.10 -25.64
C ASP C 178 22.34 6.93 -26.14
N LEU C 179 21.34 6.53 -25.33
CA LEU C 179 20.65 5.23 -25.61
C LEU C 179 19.95 5.19 -26.94
N LEU C 180 19.07 6.16 -27.14
CA LEU C 180 18.24 6.21 -28.30
C LEU C 180 19.03 6.20 -29.58
N GLN C 181 19.96 7.15 -29.69
CA GLN C 181 20.84 7.21 -30.88
C GLN C 181 21.60 5.89 -31.11
N ARG C 182 22.16 5.32 -30.09
CA ARG C 182 22.80 4.05 -30.21
C ARG C 182 21.88 2.91 -30.61
N LEU C 183 20.63 2.90 -30.12
CA LEU C 183 19.63 1.93 -30.60
C LEU C 183 19.29 2.13 -32.08
N ASP C 184 19.03 3.37 -32.44
CA ASP C 184 18.83 3.81 -33.82
C ASP C 184 19.93 3.33 -34.78
N ALA C 185 21.17 3.37 -34.34
CA ALA C 185 22.28 2.90 -35.16
C ALA C 185 22.38 1.37 -35.26
N LEU C 186 21.90 0.62 -34.27
CA LEU C 186 21.83 -0.84 -34.42
C LEU C 186 20.81 -1.30 -35.42
N VAL C 187 19.69 -0.59 -35.37
CA VAL C 187 18.54 -0.73 -36.21
C VAL C 187 18.94 -0.44 -37.65
N ALA C 188 19.80 0.57 -37.85
CA ALA C 188 20.29 0.95 -39.19
C ALA C 188 21.21 -0.09 -39.81
N GLU C 189 22.08 -0.69 -39.00
CA GLU C 189 23.06 -1.68 -39.46
C GLU C 189 22.50 -3.11 -39.79
N GLU C 190 21.38 -3.50 -39.15
CA GLU C 190 20.81 -4.86 -39.26
C GLU C 190 19.30 -4.78 -39.20
N HIS C 191 18.60 -5.82 -39.64
CA HIS C 191 17.17 -5.92 -39.33
C HIS C 191 17.00 -6.59 -37.98
N LEU C 192 16.79 -5.70 -37.02
CA LEU C 192 16.29 -6.09 -35.73
C LEU C 192 15.25 -5.10 -35.30
N THR C 193 14.47 -5.52 -34.30
CA THR C 193 13.38 -4.73 -33.77
C THR C 193 13.71 -4.35 -32.34
N VAL C 194 13.57 -3.07 -31.99
CA VAL C 194 13.74 -2.67 -30.61
C VAL C 194 12.41 -2.87 -29.85
N ASP C 195 12.49 -3.38 -28.66
CA ASP C 195 11.28 -3.53 -27.77
C ASP C 195 10.64 -2.15 -27.42
N ALA C 196 9.30 -2.05 -27.44
CA ALA C 196 8.59 -0.74 -27.13
C ALA C 196 8.90 -0.17 -25.75
N ARG C 197 9.08 -1.03 -24.76
CA ARG C 197 9.48 -0.55 -23.41
C ARG C 197 10.91 -0.01 -23.39
N VAL C 198 11.80 -0.71 -24.04
CA VAL C 198 13.15 -0.16 -24.25
C VAL C 198 13.14 1.18 -24.96
N TYR C 199 12.47 1.28 -26.09
CA TYR C 199 12.39 2.51 -26.81
C TYR C 199 11.75 3.66 -26.01
N SER C 200 10.69 3.37 -25.30
CA SER C 200 10.01 4.38 -24.44
C SER C 200 10.98 4.89 -23.38
N TYR C 201 11.72 3.95 -22.78
CA TYR C 201 12.77 4.29 -21.82
C TYR C 201 13.83 5.21 -22.46
N ALA C 202 14.31 4.81 -23.64
CA ALA C 202 15.25 5.68 -24.38
C ALA C 202 14.72 7.07 -24.68
N LEU C 203 13.48 7.16 -25.07
CA LEU C 203 12.91 8.46 -25.43
C LEU C 203 12.86 9.41 -24.20
N ALA C 204 12.38 8.90 -23.10
CA ALA C 204 12.32 9.68 -21.81
C ALA C 204 13.72 10.12 -21.35
N LEU C 205 14.74 9.25 -21.53
CA LEU C 205 16.09 9.64 -21.23
C LEU C 205 16.47 10.87 -22.03
N LYS C 206 16.21 10.83 -23.33
CA LYS C 206 16.46 11.98 -24.26
C LYS C 206 15.65 13.25 -23.89
N HIS C 207 14.38 13.05 -23.58
CA HIS C 207 13.46 14.16 -23.31
C HIS C 207 13.61 14.79 -21.95
N ALA C 208 14.20 14.07 -20.98
CA ALA C 208 14.31 14.68 -19.66
C ALA C 208 15.21 15.90 -19.70
N LYS D 15 21.48 -16.73 -38.82
CA LYS D 15 21.93 -17.56 -37.66
C LYS D 15 20.76 -18.49 -37.32
N GLN D 16 19.57 -17.94 -36.96
CA GLN D 16 18.26 -18.63 -36.77
C GLN D 16 17.25 -18.22 -37.82
N TYR D 17 16.29 -19.11 -38.14
CA TYR D 17 15.34 -18.91 -39.23
C TYR D 17 13.97 -19.52 -38.88
N ILE D 18 12.88 -18.92 -39.38
CA ILE D 18 11.53 -19.50 -39.35
C ILE D 18 11.50 -20.61 -40.44
N ILE D 19 11.10 -21.83 -40.07
CA ILE D 19 10.90 -22.97 -41.02
C ILE D 19 9.44 -22.97 -41.51
N SER D 20 8.46 -22.82 -40.59
CA SER D 20 7.02 -22.85 -40.93
C SER D 20 6.02 -22.19 -39.94
N GLU D 21 4.85 -21.85 -40.45
CA GLU D 21 3.78 -21.20 -39.69
C GLU D 21 2.36 -21.76 -39.93
N GLU D 22 1.84 -22.53 -38.96
CA GLU D 22 0.54 -23.26 -39.09
C GLU D 22 -0.58 -22.46 -38.40
N LEU D 23 -1.58 -21.98 -39.14
CA LEU D 23 -2.80 -21.33 -38.52
C LEU D 23 -3.43 -22.27 -37.51
N ILE D 24 -3.79 -21.77 -36.32
CA ILE D 24 -4.49 -22.60 -35.29
C ILE D 24 -5.86 -22.06 -34.92
N SER D 25 -6.02 -20.75 -34.78
CA SER D 25 -7.38 -20.23 -34.62
C SER D 25 -7.41 -18.74 -35.01
N GLU D 26 -8.44 -18.31 -35.74
CA GLU D 26 -8.46 -17.00 -36.40
C GLU D 26 -9.86 -16.39 -36.20
N GLY D 27 -9.92 -15.21 -35.59
CA GLY D 27 -11.13 -14.43 -35.40
C GLY D 27 -11.10 -13.17 -36.24
N LYS D 28 -12.06 -12.27 -36.02
CA LYS D 28 -12.16 -11.01 -36.79
C LYS D 28 -10.93 -10.10 -36.64
N TRP D 29 -10.29 -10.17 -35.47
CA TRP D 29 -9.21 -9.24 -35.06
C TRP D 29 -7.85 -9.84 -34.68
N VAL D 30 -7.85 -11.09 -34.18
CA VAL D 30 -6.64 -11.71 -33.64
C VAL D 30 -6.63 -13.19 -33.99
N LYS D 31 -5.43 -13.76 -34.11
CA LYS D 31 -5.25 -15.18 -34.46
C LYS D 31 -4.00 -15.77 -33.83
N LEU D 32 -3.94 -17.09 -33.82
CA LEU D 32 -2.95 -17.87 -33.10
C LEU D 32 -2.35 -18.95 -34.00
N GLU D 33 -1.02 -19.09 -34.00
CA GLU D 33 -0.29 -20.01 -34.86
C GLU D 33 0.68 -20.79 -34.07
N LYS D 34 1.03 -21.97 -34.56
CA LYS D 34 2.28 -22.66 -34.17
C LYS D 34 3.37 -22.27 -35.17
N THR D 35 4.56 -21.99 -34.63
CA THR D 35 5.70 -21.50 -35.38
C THR D 35 6.79 -22.51 -35.23
N THR D 36 7.37 -22.97 -36.33
CA THR D 36 8.58 -23.85 -36.29
C THR D 36 9.88 -23.13 -36.67
N TYR D 37 11.03 -23.41 -35.99
CA TYR D 37 12.23 -22.64 -36.30
C TYR D 37 13.54 -23.37 -36.02
N MET D 38 14.61 -23.00 -36.74
CA MET D 38 15.93 -23.57 -36.55
C MET D 38 16.72 -22.65 -35.61
N ASP D 39 17.30 -23.24 -34.56
CA ASP D 39 18.13 -22.53 -33.59
C ASP D 39 19.57 -22.60 -34.06
N PRO D 40 20.48 -21.91 -33.37
CA PRO D 40 21.83 -21.83 -33.95
C PRO D 40 22.59 -23.19 -34.09
N THR D 41 22.28 -24.18 -33.26
CA THR D 41 22.90 -25.51 -33.39
C THR D 41 22.49 -26.21 -34.71
N GLY D 42 21.26 -25.94 -35.15
CA GLY D 42 20.66 -26.64 -36.29
C GLY D 42 19.44 -27.48 -35.90
N LYS D 43 19.12 -27.51 -34.62
CA LYS D 43 17.89 -28.15 -34.15
C LYS D 43 16.60 -27.36 -34.46
N THR D 44 15.54 -28.08 -34.79
CA THR D 44 14.21 -27.53 -34.97
C THR D 44 13.58 -27.51 -33.57
N ARG D 45 12.95 -26.40 -33.20
CA ARG D 45 12.14 -26.24 -31.95
C ARG D 45 10.86 -25.60 -32.43
N THR D 46 9.85 -25.36 -31.56
CA THR D 46 8.59 -24.63 -31.93
C THR D 46 8.10 -23.55 -30.92
N TRP D 47 7.03 -22.82 -31.28
CA TRP D 47 6.51 -21.69 -30.49
C TRP D 47 5.06 -21.31 -30.86
N GLU D 48 4.25 -20.92 -29.87
CA GLU D 48 2.86 -20.49 -30.10
C GLU D 48 2.78 -18.96 -30.15
N SER D 49 2.42 -18.40 -31.32
CA SER D 49 2.49 -16.97 -31.63
C SER D 49 1.16 -16.33 -32.03
N VAL D 50 0.98 -15.06 -31.68
CA VAL D 50 -0.29 -14.38 -31.77
C VAL D 50 -0.11 -13.21 -32.74
N LYS D 51 -1.04 -13.01 -33.69
CA LYS D 51 -1.03 -11.83 -34.55
C LYS D 51 -2.38 -11.24 -34.74
N ARG D 52 -2.42 -9.95 -35.07
CA ARG D 52 -3.62 -9.33 -35.45
C ARG D 52 -3.82 -9.62 -36.93
N THR D 53 -5.04 -9.40 -37.42
CA THR D 53 -5.43 -9.84 -38.73
C THR D 53 -5.67 -8.64 -39.57
N THR D 54 -5.26 -7.45 -39.11
CA THR D 54 -5.65 -6.20 -39.73
C THR D 54 -4.39 -5.44 -40.12
N ALA D 60 3.43 -0.93 -39.43
CA ALA D 60 3.18 -1.44 -38.07
C ALA D 60 1.65 -1.58 -37.78
N ASP D 61 1.25 -2.28 -36.71
CA ASP D 61 -0.23 -2.34 -36.38
C ASP D 61 -0.83 -1.04 -35.89
N GLY D 62 -0.13 -0.36 -34.99
CA GLY D 62 -0.61 0.89 -34.41
C GLY D 62 0.43 1.96 -34.18
N VAL D 63 -0.05 3.05 -33.57
CA VAL D 63 0.75 4.11 -33.01
C VAL D 63 0.42 4.25 -31.52
N ALA D 64 1.33 4.89 -30.80
CA ALA D 64 1.14 5.33 -29.38
C ALA D 64 1.69 6.70 -29.43
N VAL D 65 1.06 7.66 -28.77
CA VAL D 65 1.48 9.02 -28.89
C VAL D 65 1.97 9.42 -27.50
N ILE D 66 3.15 10.03 -27.49
CA ILE D 66 3.69 10.70 -26.31
C ILE D 66 3.43 12.19 -26.47
N PRO D 67 2.35 12.66 -25.82
CA PRO D 67 1.98 14.07 -26.07
C PRO D 67 2.46 14.98 -24.90
N VAL D 68 3.37 15.89 -25.23
CA VAL D 68 3.97 16.83 -24.29
C VAL D 68 3.23 18.19 -24.39
N LEU D 69 2.38 18.48 -23.43
CA LEU D 69 1.64 19.80 -23.41
C LEU D 69 2.55 20.96 -22.92
N GLN D 70 2.84 21.92 -23.78
CA GLN D 70 3.77 23.01 -23.49
C GLN D 70 3.03 24.36 -23.38
N ARG D 71 3.24 25.14 -22.31
CA ARG D 71 2.77 26.54 -22.20
C ARG D 71 3.97 27.39 -21.78
N THR D 72 4.20 28.55 -22.40
CA THR D 72 5.35 29.40 -21.97
C THR D 72 5.22 29.74 -20.49
N LEU D 73 6.31 29.77 -19.76
CA LEU D 73 6.25 30.11 -18.33
C LEU D 73 5.54 29.08 -17.45
N HIS D 74 5.39 27.85 -17.92
CA HIS D 74 4.77 26.78 -17.10
C HIS D 74 5.60 25.49 -17.28
N TYR D 75 5.35 24.50 -16.45
CA TYR D 75 6.00 23.16 -16.50
C TYR D 75 5.32 22.44 -17.66
N GLU D 76 6.01 21.42 -18.18
CA GLU D 76 5.42 20.48 -19.19
C GLU D 76 4.58 19.42 -18.54
N CYS D 77 3.62 18.92 -19.29
CA CYS D 77 2.69 17.90 -18.81
C CYS D 77 2.57 16.83 -19.89
N ILE D 78 2.29 15.62 -19.45
CA ILE D 78 2.27 14.47 -20.33
C ILE D 78 0.79 14.09 -20.35
N VAL D 79 0.21 14.13 -21.54
CA VAL D 79 -1.22 13.93 -21.64
C VAL D 79 -1.43 12.40 -21.78
N LEU D 80 -2.08 11.76 -20.83
CA LEU D 80 -2.35 10.32 -20.91
C LEU D 80 -3.85 10.17 -21.05
N VAL D 81 -4.33 8.92 -21.20
CA VAL D 81 -5.76 8.63 -21.24
C VAL D 81 -6.03 7.37 -20.50
N LYS D 82 -7.24 7.31 -19.88
CA LYS D 82 -7.71 6.07 -19.23
C LYS D 82 -9.00 5.72 -19.85
N GLN D 83 -9.19 4.41 -19.83
CA GLN D 83 -10.24 3.72 -20.47
C GLN D 83 -10.20 2.27 -19.98
N PHE D 84 -11.36 1.64 -20.07
CA PHE D 84 -11.59 0.26 -19.74
C PHE D 84 -11.03 -0.59 -20.87
N ARG D 85 -10.30 -1.64 -20.48
CA ARG D 85 -9.65 -2.55 -21.43
C ARG D 85 -10.17 -3.94 -21.22
N PRO D 86 -11.15 -4.34 -22.03
CA PRO D 86 -11.64 -5.70 -21.89
C PRO D 86 -10.67 -6.80 -21.65
N PRO D 87 -9.54 -6.89 -22.38
CA PRO D 87 -8.62 -7.99 -22.07
C PRO D 87 -7.99 -7.93 -20.61
N MET D 88 -7.87 -6.72 -20.08
CA MET D 88 -7.30 -6.48 -18.74
C MET D 88 -8.42 -6.59 -17.69
N GLY D 89 -9.67 -6.61 -18.15
CA GLY D 89 -10.78 -6.49 -17.20
C GLY D 89 -10.69 -5.29 -16.27
N GLY D 90 -10.10 -4.19 -16.73
CA GLY D 90 -10.04 -3.04 -15.85
C GLY D 90 -9.63 -1.83 -16.59
N TYR D 91 -9.55 -0.72 -15.89
CA TYR D 91 -9.16 0.53 -16.51
C TYR D 91 -7.60 0.57 -16.56
N CYS D 92 -7.07 1.20 -17.64
CA CYS D 92 -5.68 1.25 -17.89
C CYS D 92 -5.36 2.70 -18.22
N ILE D 93 -4.20 3.12 -17.77
CA ILE D 93 -3.70 4.47 -18.10
C ILE D 93 -2.59 4.25 -19.13
N GLU D 94 -2.74 4.90 -20.31
CA GLU D 94 -1.92 4.64 -21.45
C GLU D 94 -1.60 5.92 -22.14
N PHE D 95 -0.62 5.82 -23.04
CA PHE D 95 -0.40 6.87 -23.98
C PHE D 95 -1.61 6.76 -24.92
N PRO D 96 -2.07 7.88 -25.43
CA PRO D 96 -3.16 7.72 -26.46
C PRO D 96 -2.62 6.91 -27.64
N ALA D 97 -3.49 6.07 -28.21
CA ALA D 97 -3.05 5.09 -29.16
C ALA D 97 -4.20 4.77 -30.10
N GLY D 98 -3.83 4.19 -31.24
CA GLY D 98 -4.84 3.58 -32.13
C GLY D 98 -4.17 2.74 -33.21
N LEU D 99 -4.97 1.91 -33.91
CA LEU D 99 -4.46 1.30 -35.15
C LEU D 99 -4.30 2.31 -36.27
N ILE D 100 -3.37 2.00 -37.16
CA ILE D 100 -3.13 2.84 -38.31
C ILE D 100 -4.17 2.36 -39.36
N ASP D 101 -4.77 3.33 -40.05
CA ASP D 101 -5.80 3.10 -41.09
C ASP D 101 -5.05 2.79 -42.41
N ASP D 102 -5.61 1.93 -43.28
CA ASP D 102 -4.95 1.69 -44.60
C ASP D 102 -4.74 3.05 -45.32
N GLY D 103 -3.51 3.28 -45.80
CA GLY D 103 -3.16 4.50 -46.56
C GLY D 103 -2.79 5.72 -45.75
N GLU D 104 -2.80 5.58 -44.43
CA GLU D 104 -2.52 6.67 -43.51
C GLU D 104 -1.11 6.45 -42.95
N THR D 105 -0.32 7.53 -42.89
CA THR D 105 1.05 7.48 -42.39
C THR D 105 0.92 7.37 -40.85
N PRO D 106 1.96 6.81 -40.13
CA PRO D 106 2.03 6.87 -38.64
C PRO D 106 1.86 8.29 -38.06
N GLU D 107 2.61 9.25 -38.62
CA GLU D 107 2.56 10.60 -38.13
C GLU D 107 1.18 11.16 -38.23
N ALA D 108 0.47 10.93 -39.32
CA ALA D 108 -0.86 11.53 -39.50
C ALA D 108 -1.82 10.74 -38.61
N ALA D 109 -1.58 9.44 -38.45
CA ALA D 109 -2.46 8.72 -37.54
C ALA D 109 -2.27 9.23 -36.07
N ALA D 110 -1.02 9.59 -35.73
CA ALA D 110 -0.73 10.06 -34.38
C ALA D 110 -1.52 11.34 -34.10
N LEU D 111 -1.34 12.34 -34.97
CA LEU D 111 -2.09 13.58 -34.81
C LEU D 111 -3.58 13.31 -34.79
N ARG D 112 -4.06 12.37 -35.58
CA ARG D 112 -5.50 12.15 -35.68
C ARG D 112 -6.01 11.49 -34.42
N GLU D 113 -5.40 10.39 -34.04
CA GLU D 113 -5.77 9.70 -32.78
C GLU D 113 -5.57 10.62 -31.52
N LEU D 114 -4.49 11.42 -31.48
CA LEU D 114 -4.33 12.38 -30.36
C LEU D 114 -5.52 13.39 -30.34
N GLU D 115 -5.84 14.03 -31.47
CA GLU D 115 -7.06 14.87 -31.54
C GLU D 115 -8.37 14.10 -31.29
N GLU D 116 -8.51 12.84 -31.77
CA GLU D 116 -9.71 12.08 -31.36
C GLU D 116 -9.85 11.82 -29.88
N GLU D 117 -8.77 11.40 -29.23
CA GLU D 117 -8.88 10.88 -27.87
C GLU D 117 -8.75 11.96 -26.78
N THR D 118 -8.17 13.09 -27.16
CA THR D 118 -7.89 14.19 -26.23
C THR D 118 -8.39 15.54 -26.65
N GLY D 119 -8.63 15.73 -27.94
CA GLY D 119 -8.99 17.05 -28.45
C GLY D 119 -7.80 17.91 -28.82
N TYR D 120 -6.58 17.54 -28.43
CA TYR D 120 -5.46 18.42 -28.73
C TYR D 120 -4.95 18.31 -30.19
N LYS D 121 -4.38 19.40 -30.69
CA LYS D 121 -3.85 19.56 -32.01
C LYS D 121 -2.34 19.69 -31.82
N GLY D 122 -1.65 18.62 -32.20
CA GLY D 122 -0.22 18.47 -31.97
C GLY D 122 0.58 18.82 -33.19
N ASP D 123 1.89 18.81 -32.97
CA ASP D 123 2.86 19.07 -33.98
C ASP D 123 3.82 17.90 -33.84
N ILE D 124 4.25 17.30 -34.94
CA ILE D 124 5.14 16.12 -34.80
C ILE D 124 6.53 16.54 -34.37
N ALA D 125 7.07 15.87 -33.34
CA ALA D 125 8.43 16.07 -32.85
C ALA D 125 9.33 14.97 -33.41
N GLU D 126 8.87 13.73 -33.42
CA GLU D 126 9.69 12.59 -33.93
C GLU D 126 8.85 11.33 -33.91
N CYS D 127 9.36 10.26 -34.53
CA CYS D 127 8.58 9.05 -34.75
C CYS D 127 9.50 7.87 -34.81
N SER D 128 9.25 6.86 -33.99
CA SER D 128 10.10 5.69 -33.87
C SER D 128 9.94 4.83 -35.14
N PRO D 129 10.89 3.93 -35.39
CA PRO D 129 10.57 2.84 -36.31
C PRO D 129 9.59 1.92 -35.62
N ALA D 130 9.16 0.87 -36.27
CA ALA D 130 8.26 -0.06 -35.64
C ALA D 130 8.97 -0.75 -34.51
N VAL D 131 8.32 -0.76 -33.35
CA VAL D 131 8.87 -1.38 -32.13
C VAL D 131 7.85 -2.43 -31.70
N CYS D 132 8.34 -3.53 -31.12
CA CYS D 132 7.59 -4.71 -30.75
C CYS D 132 6.96 -4.61 -29.32
N MET D 133 5.73 -5.07 -29.24
CA MET D 133 4.87 -4.89 -28.07
C MET D 133 5.12 -5.98 -27.05
N ASP D 134 5.27 -7.20 -27.50
CA ASP D 134 5.62 -8.31 -26.60
C ASP D 134 6.18 -9.44 -27.40
N PRO D 135 7.51 -9.40 -27.71
CA PRO D 135 7.97 -10.17 -28.87
C PRO D 135 7.99 -11.63 -28.59
N GLY D 136 8.14 -12.03 -27.33
CA GLY D 136 8.06 -13.41 -26.89
C GLY D 136 6.64 -14.02 -26.96
N LEU D 137 5.66 -13.24 -27.45
CA LEU D 137 4.24 -13.59 -27.53
C LEU D 137 3.58 -13.29 -28.87
N SER D 138 3.69 -12.06 -29.36
CA SER D 138 2.98 -11.61 -30.53
C SER D 138 3.93 -10.87 -31.49
N ASN D 139 3.42 -10.53 -32.66
CA ASN D 139 4.26 -9.88 -33.63
C ASN D 139 3.87 -8.49 -33.64
N CYS D 140 3.03 -8.04 -32.68
CA CYS D 140 2.43 -6.71 -32.90
C CYS D 140 3.50 -5.64 -32.70
N THR D 141 3.36 -4.58 -33.46
CA THR D 141 4.30 -3.51 -33.36
C THR D 141 3.55 -2.24 -33.42
N ILE D 142 4.20 -1.17 -32.98
CA ILE D 142 3.70 0.16 -33.19
C ILE D 142 4.80 1.14 -33.53
N HIS D 143 4.43 2.32 -33.97
CA HIS D 143 5.34 3.43 -33.96
C HIS D 143 4.99 4.21 -32.67
N ILE D 144 6.01 4.54 -31.87
CA ILE D 144 5.89 5.57 -30.82
C ILE D 144 6.16 6.93 -31.40
N VAL D 145 5.16 7.81 -31.35
CA VAL D 145 5.26 9.11 -31.94
C VAL D 145 5.23 10.15 -30.84
N THR D 146 6.26 11.02 -30.81
CA THR D 146 6.41 12.08 -29.82
C THR D 146 5.75 13.32 -30.43
N VAL D 147 4.83 13.93 -29.69
CA VAL D 147 3.98 15.04 -30.21
C VAL D 147 3.90 16.24 -29.22
N THR D 148 4.26 17.42 -29.66
CA THR D 148 4.24 18.62 -28.77
C THR D 148 2.94 19.37 -29.04
N ILE D 149 2.32 19.86 -27.97
CA ILE D 149 1.04 20.58 -28.09
C ILE D 149 1.33 22.02 -27.68
N ASN D 150 0.91 22.99 -28.48
CA ASN D 150 1.17 24.42 -28.16
C ASN D 150 -0.06 24.88 -27.38
N GLY D 151 0.01 24.77 -26.05
CA GLY D 151 -1.13 25.05 -25.19
C GLY D 151 -1.42 26.53 -25.04
N ASP D 152 -0.63 27.38 -25.69
CA ASP D 152 -0.90 28.83 -25.86
C ASP D 152 -1.61 29.21 -27.18
N ASP D 153 -1.65 28.29 -28.14
CA ASP D 153 -2.50 28.47 -29.29
C ASP D 153 -3.95 28.28 -28.84
N ALA D 154 -4.78 29.19 -29.38
CA ALA D 154 -6.23 29.24 -29.16
C ALA D 154 -6.92 27.85 -29.36
N GLU D 155 -6.55 27.17 -30.45
CA GLU D 155 -7.15 25.86 -30.80
C GLU D 155 -7.02 24.84 -29.69
N ASN D 156 -5.97 24.98 -28.87
CA ASN D 156 -5.72 24.12 -27.72
C ASN D 156 -6.15 24.77 -26.38
N ALA D 157 -6.94 25.85 -26.41
CA ALA D 157 -7.31 26.55 -25.16
C ALA D 157 -8.03 25.62 -24.15
N ARG D 158 -9.05 24.90 -24.62
CA ARG D 158 -9.77 23.90 -23.82
C ARG D 158 -10.58 23.00 -24.74
N PRO D 159 -9.90 22.10 -25.46
CA PRO D 159 -10.55 21.24 -26.44
C PRO D 159 -11.19 19.98 -25.84
N LYS D 160 -12.21 19.47 -26.53
CA LYS D 160 -12.89 18.23 -26.11
C LYS D 160 -12.70 17.15 -27.18
N PRO D 161 -12.67 15.89 -26.75
CA PRO D 161 -12.39 14.75 -27.64
C PRO D 161 -13.29 14.67 -28.87
N LYS D 162 -13.36 13.47 -29.43
CA LYS D 162 -14.22 13.14 -30.57
C LYS D 162 -14.11 11.63 -30.79
N PRO D 163 -14.66 10.83 -29.85
CA PRO D 163 -14.50 9.37 -29.95
C PRO D 163 -15.39 8.77 -31.03
N GLY D 164 -14.92 7.67 -31.65
CA GLY D 164 -15.81 6.79 -32.40
C GLY D 164 -16.80 6.14 -31.45
N ASP D 165 -17.69 5.30 -31.99
CA ASP D 165 -18.63 4.52 -31.15
C ASP D 165 -17.77 3.50 -30.39
N GLY D 166 -18.22 3.19 -29.18
CA GLY D 166 -17.47 2.30 -28.31
C GLY D 166 -16.17 2.83 -27.70
N GLU D 167 -15.82 4.10 -27.95
CA GLU D 167 -14.59 4.73 -27.45
C GLU D 167 -14.96 5.70 -26.33
N PHE D 168 -14.64 5.33 -25.09
CA PHE D 168 -14.91 6.16 -23.90
C PHE D 168 -13.62 6.25 -23.12
N VAL D 169 -13.03 7.44 -23.14
CA VAL D 169 -11.73 7.66 -22.58
C VAL D 169 -11.72 8.97 -21.82
N GLU D 170 -11.08 8.95 -20.64
CA GLU D 170 -10.78 10.16 -19.85
C GLU D 170 -9.34 10.61 -20.12
N VAL D 171 -9.12 11.90 -20.30
CA VAL D 171 -7.82 12.52 -20.49
C VAL D 171 -7.27 12.77 -19.07
N ILE D 172 -6.02 12.35 -18.83
CA ILE D 172 -5.27 12.53 -17.54
C ILE D 172 -3.99 13.28 -17.88
N SER D 173 -3.93 14.57 -17.58
CA SER D 173 -2.71 15.34 -17.83
C SER D 173 -1.90 15.32 -16.53
N LEU D 174 -0.66 14.81 -16.58
CA LEU D 174 0.20 14.73 -15.36
C LEU D 174 1.43 15.50 -15.56
N PRO D 175 1.98 16.05 -14.44
CA PRO D 175 3.17 16.82 -14.63
C PRO D 175 4.30 15.85 -15.04
N LYS D 176 5.01 16.22 -16.08
CA LYS D 176 6.17 15.52 -16.53
C LYS D 176 7.22 15.34 -15.38
N ASN D 177 7.39 16.40 -14.59
CA ASN D 177 8.35 16.47 -13.49
C ASN D 177 8.13 15.49 -12.32
N ASP D 178 6.98 14.89 -12.22
CA ASP D 178 6.73 13.99 -11.15
C ASP D 178 5.91 12.89 -11.64
N LEU D 179 6.11 12.54 -12.91
CA LEU D 179 5.31 11.51 -13.52
C LEU D 179 5.26 10.21 -12.79
N LEU D 180 6.42 9.64 -12.43
CA LEU D 180 6.45 8.36 -11.83
C LEU D 180 5.68 8.32 -10.50
N GLN D 181 5.88 9.35 -9.68
CA GLN D 181 5.27 9.39 -8.31
C GLN D 181 3.70 9.43 -8.43
N ARG D 182 3.26 10.26 -9.35
CA ARG D 182 1.82 10.41 -9.67
C ARG D 182 1.27 9.15 -10.16
N LEU D 183 1.96 8.45 -11.05
CA LEU D 183 1.55 7.10 -11.41
C LEU D 183 1.50 6.19 -10.29
N ASP D 184 2.58 6.14 -9.50
CA ASP D 184 2.54 5.22 -8.34
C ASP D 184 1.37 5.58 -7.39
N ALA D 185 1.04 6.88 -7.25
CA ALA D 185 -0.04 7.36 -6.36
C ALA D 185 -1.41 6.88 -6.85
N LEU D 186 -1.64 7.06 -8.16
CA LEU D 186 -2.84 6.52 -8.80
C LEU D 186 -3.01 5.06 -8.51
N VAL D 187 -1.96 4.29 -8.65
CA VAL D 187 -2.02 2.84 -8.47
C VAL D 187 -2.21 2.43 -7.03
N ALA D 188 -1.71 3.28 -6.12
CA ALA D 188 -1.91 2.93 -4.72
C ALA D 188 -3.39 3.16 -4.32
N GLU D 189 -4.02 4.17 -4.93
CA GLU D 189 -5.37 4.66 -4.57
C GLU D 189 -6.52 3.99 -5.33
N GLU D 190 -6.23 3.24 -6.42
CA GLU D 190 -7.29 2.83 -7.34
C GLU D 190 -7.20 1.49 -8.08
N HIS D 191 -8.37 1.06 -8.53
CA HIS D 191 -8.52 -0.10 -9.38
C HIS D 191 -8.14 0.37 -10.79
N LEU D 192 -6.83 0.25 -11.10
CA LEU D 192 -6.32 0.51 -12.45
C LEU D 192 -4.92 -0.07 -12.56
N THR D 193 -4.46 -0.08 -13.81
CA THR D 193 -3.12 -0.56 -14.23
C THR D 193 -2.48 0.49 -15.16
N VAL D 194 -1.17 0.65 -14.96
CA VAL D 194 -0.46 1.62 -15.71
C VAL D 194 0.17 0.74 -16.76
N ASP D 195 0.32 1.34 -17.92
CA ASP D 195 0.91 0.63 -19.05
C ASP D 195 2.43 0.60 -18.90
N ALA D 196 3.01 -0.54 -19.26
CA ALA D 196 4.49 -0.76 -19.21
C ALA D 196 5.29 0.28 -19.94
N ARG D 197 4.80 0.77 -21.07
N ARG D 197 4.81 0.73 -21.11
CA ARG D 197 5.51 1.74 -21.87
CA ARG D 197 5.47 1.78 -21.91
C ARG D 197 5.43 3.14 -21.23
C ARG D 197 5.49 3.07 -21.10
N VAL D 198 4.33 3.42 -20.53
CA VAL D 198 4.18 4.68 -19.79
C VAL D 198 5.13 4.63 -18.55
N TYR D 199 5.14 3.52 -17.89
CA TYR D 199 5.92 3.34 -16.70
C TYR D 199 7.43 3.32 -17.02
N SER D 200 7.83 2.69 -18.13
CA SER D 200 9.25 2.77 -18.55
C SER D 200 9.62 4.18 -18.85
N TYR D 201 8.70 4.95 -19.48
CA TYR D 201 8.95 6.38 -19.77
C TYR D 201 9.21 7.18 -18.46
N ALA D 202 8.34 6.95 -17.51
CA ALA D 202 8.38 7.64 -16.20
C ALA D 202 9.69 7.23 -15.40
N LEU D 203 9.97 5.94 -15.35
CA LEU D 203 11.26 5.50 -14.82
C LEU D 203 12.44 6.27 -15.39
N ALA D 204 12.51 6.35 -16.72
CA ALA D 204 13.67 6.97 -17.38
C ALA D 204 13.75 8.46 -17.07
N LEU D 205 12.61 9.13 -16.81
CA LEU D 205 12.66 10.57 -16.47
C LEU D 205 13.40 10.76 -15.13
N LYS D 206 13.31 9.78 -14.27
CA LYS D 206 13.99 9.83 -13.02
C LYS D 206 15.40 9.31 -13.19
N HIS D 207 15.60 8.26 -13.98
CA HIS D 207 16.97 7.73 -14.19
C HIS D 207 17.94 8.56 -14.99
N ALA D 208 17.41 9.43 -15.85
CA ALA D 208 18.22 10.27 -16.72
C ALA D 208 19.18 11.18 -15.97
N ASN D 209 20.33 11.43 -16.62
CA ASN D 209 21.17 12.60 -16.32
C ASN D 209 21.23 13.00 -14.85
MG MG E . -11.47 14.71 18.79
MG MG F . -14.17 16.71 18.13
C10 JMM G . -11.25 20.64 26.31
C13 JMM G . -9.34 22.05 27.95
C17 JMM G . -10.94 23.87 22.64
C01 JMM G . -8.73 16.23 29.39
C02 JMM G . -9.40 17.38 28.90
C03 JMM G . -8.57 18.44 29.18
O04 JMM G . -7.45 17.97 29.81
C05 JMM G . -7.58 16.65 29.91
C06 JMM G . -8.59 19.90 28.98
O07 JMM G . -7.85 20.57 29.65
N08 JMM G . -9.41 20.54 28.04
C09 JMM G . -10.37 19.79 27.21
N11 JMM G . -10.42 21.69 25.75
C12 JMM G . -10.19 22.69 26.83
C14 JMM G . -10.71 22.02 24.37
O15 JMM G . -11.36 21.24 23.67
C16 JMM G . -10.17 23.29 23.78
C18 JMM G . -9.61 23.19 22.36
C10 JMM H . 2.86 0.11 41.52
C13 JMM H . 0.52 0.81 43.06
C17 JMM H . 0.75 -4.38 42.33
C01 JMM H . -0.05 3.92 37.98
C02 JMM H . 0.61 3.09 38.90
C03 JMM H . -0.02 3.30 40.11
O04 JMM H . -1.00 4.21 39.94
C05 JMM H . -0.99 4.56 38.65
C06 JMM H . 0.10 2.77 41.50
O07 JMM H . -0.51 3.41 42.39
N08 JMM H . 0.86 1.58 41.81
C09 JMM H . 1.72 0.86 40.82
N11 JMM H . 2.32 -0.86 42.45
C12 JMM H . 1.64 -0.15 43.56
C14 JMM H . 1.89 -2.13 41.89
O15 JMM H . 2.39 -2.57 40.85
C16 JMM H . 0.84 -2.88 42.58
C18 JMM H . 1.29 -3.87 43.63
C1 EDO I . -10.98 9.02 27.07
O1 EDO I . -9.82 9.49 27.80
C2 EDO I . -10.93 9.51 25.62
O2 EDO I . -10.02 8.69 24.88
CL CL J . 2.55 -13.23 13.84
C1 EDO K . 5.43 -23.56 15.05
O1 EDO K . 6.09 -22.75 16.02
C2 EDO K . 5.17 -24.96 15.67
O2 EDO K . 4.27 -24.90 16.84
MG MG L . 1.13 -6.07 33.53
MG MG M . 4.51 -8.51 35.26
C1 EDO N . 1.26 3.44 29.94
O1 EDO N . 0.27 4.09 30.75
C2 EDO N . 1.05 1.94 30.00
O2 EDO N . -0.26 1.62 29.54
C1 EDO O . 29.01 -6.17 -6.33
O1 EDO O . 28.42 -7.02 -7.33
C2 EDO O . 27.92 -5.55 -5.45
O2 EDO O . 27.39 -6.65 -4.71
MG MG P . 13.89 -15.95 -20.10
MG MG Q . 14.13 -14.18 -21.40
C10 JMM R . -11.85 -3.35 -31.87
C13 JMM R . -13.37 -5.66 -31.02
C17 JMM R . -15.00 0.05 -30.68
C01 JMM R . -7.54 -6.97 -30.84
C02 JMM R . -8.70 -6.26 -31.25
C03 JMM R . -9.76 -6.97 -30.69
O04 JMM R . -9.31 -8.03 -29.98
C05 JMM R . -7.96 -8.01 -30.09
C06 JMM R . -11.22 -6.85 -30.73
O07 JMM R . -11.87 -7.84 -30.39
N08 JMM R . -11.88 -5.68 -31.16
C09 JMM R . -11.31 -4.33 -30.85
N11 JMM R . -13.26 -3.18 -31.50
C12 JMM R . -14.03 -4.44 -31.72
C14 JMM R . -13.85 -1.97 -31.89
O15 JMM R . -13.49 -1.41 -32.96
C16 JMM R . -14.93 -1.45 -30.96
C18 JMM R . -14.45 -0.90 -29.64
C1 EDO S . 5.84 -11.43 -20.61
O1 EDO S . 6.38 -10.47 -21.51
C2 EDO S . 4.32 -11.21 -20.58
O2 EDO S . 3.78 -11.27 -21.92
MG MG T . -7.33 4.39 -28.55
MG MG U . -7.86 4.40 -30.81
C10 JMM V . 9.10 -23.01 -25.96
C13 JMM V . 7.73 -20.78 -24.47
C17 JMM V . 13.33 -23.37 -25.73
C01 JMM V . 4.53 -17.57 -25.16
C02 JMM V . 5.47 -18.63 -24.91
C03 JMM V . 5.31 -19.51 -25.92
O04 JMM V . 4.34 -19.08 -26.77
C05 JMM V . 3.88 -17.91 -26.29
C06 JMM V . 5.96 -20.78 -26.32
O07 JMM V . 5.43 -21.35 -27.25
N08 JMM V . 7.12 -21.34 -25.71
C09 JMM V . 7.57 -22.72 -26.09
N11 JMM V . 9.80 -22.14 -24.96
C12 JMM V . 8.87 -21.67 -23.90
C14 JMM V . 11.22 -22.36 -24.65
O15 JMM V . 11.83 -21.48 -24.01
C16 JMM V . 11.97 -23.59 -25.09
C18 JMM V . 13.26 -23.96 -24.35
C1 EDO W . -4.39 -4.75 -31.83
O1 EDO W . -4.27 -4.29 -30.47
C2 EDO W . -3.49 -5.95 -32.06
O2 EDO W . -2.82 -5.82 -33.32
#